data_8B4N
#
_entry.id   8B4N
#
_cell.length_a   186.590
_cell.length_b   186.590
_cell.length_c   59.190
_cell.angle_alpha   90.000
_cell.angle_beta   90.000
_cell.angle_gamma   120.000
#
_symmetry.space_group_name_H-M   'H 3'
#
loop_
_entity.id
_entity.type
_entity.pdbx_description
1 polymer 'B-phycoerythrin alpha chain'
2 polymer 'B-phycoerythrin beta chain'
3 non-polymer PHYCOERYTHROBILIN
4 non-polymer 'SULFATE ION'
5 water water
#
loop_
_entity_poly.entity_id
_entity_poly.type
_entity_poly.pdbx_seq_one_letter_code
_entity_poly.pdbx_strand_id
1 'polypeptide(L)'
;MKSVITTVVSAADAAGRFPSNSDLESIQGNIQRSAARLEAAEKLAGNHEAVVKEAGDACFAKYAYLKNPGEAGENQEKIN
KCYRDVDHYMRLVNYCLVVGGTGPLDEWGIAGAREVYRTLNLPTSAYVASIAYTRDRLCVPRDMSAQAGVEFSAYLDYLI
NALS
;
AAA,CCC
2 'polypeptide(L)'
;MLDAFSRVVVNSDAKAAYVGGSDLQALKSFIADGNKRLDAVNSIVSNASCMVSDAVSGMICENPGLISPGG(MEN)CYTN
RRMAACLRDGEIILRYVSYALLAGDASVLEDRCLNGLKETYIALGVPTNSSIRAVSIMKAQAVAFITNTATERKMSFAAG
DCTSLASEVASYFDRVGAAIS
;
BBB,DDD
#
loop_
_chem_comp.id
_chem_comp.type
_chem_comp.name
_chem_comp.formula
PEB non-polymer PHYCOERYTHROBILIN 'C33 H40 N4 O6'
SO4 non-polymer 'SULFATE ION' 'O4 S -2'
#
# COMPACT_ATOMS: atom_id res chain seq x y z
N MET A 1 -9.81 6.17 6.72
CA MET A 1 -10.54 4.89 6.53
C MET A 1 -9.64 3.94 5.73
N LYS A 2 -9.11 2.89 6.36
CA LYS A 2 -8.09 2.00 5.73
C LYS A 2 -8.70 1.23 4.55
N SER A 3 -8.08 1.41 3.41
CA SER A 3 -8.40 0.70 2.14
C SER A 3 -7.10 0.54 1.36
N VAL A 4 -7.14 -0.07 0.19
CA VAL A 4 -5.93 -0.13 -0.69
C VAL A 4 -5.50 1.30 -1.02
N ILE A 5 -6.45 2.13 -1.39
CA ILE A 5 -6.15 3.51 -1.89
C ILE A 5 -5.61 4.34 -0.74
N THR A 6 -6.30 4.36 0.38
CA THR A 6 -5.87 5.32 1.43
C THR A 6 -4.53 4.86 1.99
N THR A 7 -4.22 3.57 1.96
CA THR A 7 -2.92 3.13 2.51
C THR A 7 -1.83 3.74 1.63
N VAL A 8 -1.92 3.58 0.32
CA VAL A 8 -0.77 3.98 -0.56
C VAL A 8 -0.73 5.52 -0.66
N VAL A 9 -1.88 6.18 -0.54
CA VAL A 9 -1.89 7.67 -0.63
C VAL A 9 -1.24 8.22 0.64
N SER A 10 -1.69 7.74 1.81
N SER A 10 -1.67 7.75 1.82
CA SER A 10 -1.13 8.09 3.14
CA SER A 10 -1.10 8.17 3.12
C SER A 10 0.40 7.91 3.14
C SER A 10 0.43 7.93 3.13
N ALA A 11 0.92 6.81 2.59
CA ALA A 11 2.38 6.52 2.55
C ALA A 11 3.10 7.51 1.62
N ALA A 12 2.52 7.77 0.46
CA ALA A 12 3.05 8.79 -0.48
C ALA A 12 3.11 10.15 0.23
N ASP A 13 2.09 10.46 1.04
CA ASP A 13 1.98 11.81 1.67
C ASP A 13 3.04 11.96 2.74
N ALA A 14 3.23 10.91 3.54
CA ALA A 14 4.21 10.95 4.65
C ALA A 14 5.62 11.18 4.07
N ALA A 15 5.89 10.77 2.82
CA ALA A 15 7.22 10.91 2.19
C ALA A 15 7.23 12.11 1.24
N GLY A 16 6.11 12.85 1.10
CA GLY A 16 5.99 14.02 0.21
C GLY A 16 6.09 13.65 -1.25
N ARG A 17 5.58 12.45 -1.60
CA ARG A 17 5.77 11.85 -2.94
C ARG A 17 4.48 11.94 -3.77
N PHE A 18 4.66 12.13 -5.06
CA PHE A 18 3.59 11.87 -6.04
C PHE A 18 3.32 10.38 -6.02
N PRO A 19 2.09 9.95 -6.42
CA PRO A 19 1.83 8.54 -6.68
C PRO A 19 2.87 8.05 -7.70
N SER A 20 3.29 6.78 -7.56
CA SER A 20 4.26 6.13 -8.46
C SER A 20 3.79 4.70 -8.74
N ASN A 21 4.60 3.96 -9.50
CA ASN A 21 4.13 2.68 -10.07
C ASN A 21 3.63 1.70 -8.99
N SER A 22 4.30 1.53 -7.85
CA SER A 22 3.83 0.54 -6.85
C SER A 22 2.46 0.98 -6.36
N ASP A 23 2.16 2.29 -6.34
CA ASP A 23 0.85 2.75 -5.84
C ASP A 23 -0.24 2.33 -6.82
N LEU A 24 0.00 2.56 -8.10
CA LEU A 24 -0.97 2.24 -9.17
C LEU A 24 -1.14 0.72 -9.19
N GLU A 25 -0.03 -0.01 -9.11
CA GLU A 25 -0.05 -1.49 -9.12
C GLU A 25 -0.89 -2.01 -7.95
N SER A 26 -0.77 -1.43 -6.76
CA SER A 26 -1.60 -1.83 -5.60
C SER A 26 -3.09 -1.70 -5.93
N ILE A 27 -3.46 -0.55 -6.46
CA ILE A 27 -4.88 -0.21 -6.78
C ILE A 27 -5.38 -1.16 -7.88
N GLN A 28 -4.55 -1.64 -8.81
CA GLN A 28 -4.96 -2.69 -9.79
C GLN A 28 -5.46 -3.92 -9.04
N GLY A 29 -4.90 -4.24 -7.87
CA GLY A 29 -5.42 -5.36 -7.07
C GLY A 29 -6.86 -5.10 -6.69
N ASN A 30 -7.20 -3.83 -6.42
CA ASN A 30 -8.60 -3.35 -6.20
C ASN A 30 -9.51 -3.88 -7.28
N ILE A 31 -9.12 -3.68 -8.54
CA ILE A 31 -9.88 -4.04 -9.76
C ILE A 31 -10.07 -5.57 -9.73
N GLN A 32 -8.99 -6.32 -9.53
CA GLN A 32 -9.04 -7.82 -9.57
C GLN A 32 -9.96 -8.41 -8.49
N ARG A 33 -9.94 -7.89 -7.28
CA ARG A 33 -10.52 -8.58 -6.10
C ARG A 33 -11.94 -8.07 -5.87
N SER A 34 -12.35 -6.98 -6.53
CA SER A 34 -13.63 -6.28 -6.20
C SER A 34 -14.85 -7.16 -6.43
N ALA A 35 -14.91 -7.88 -7.56
CA ALA A 35 -16.08 -8.74 -7.87
C ALA A 35 -16.39 -9.64 -6.68
N ALA A 36 -15.40 -10.34 -6.11
CA ALA A 36 -15.61 -11.30 -5.00
C ALA A 36 -16.21 -10.56 -3.79
N ARG A 37 -15.62 -9.46 -3.37
CA ARG A 37 -16.11 -8.79 -2.14
C ARG A 37 -17.42 -8.03 -2.40
N LEU A 38 -17.68 -7.51 -3.60
CA LEU A 38 -18.97 -6.82 -3.83
C LEU A 38 -20.08 -7.88 -3.91
N GLU A 39 -19.73 -9.09 -4.36
CA GLU A 39 -20.69 -10.21 -4.37
C GLU A 39 -21.11 -10.47 -2.93
N ALA A 40 -20.13 -10.61 -2.02
CA ALA A 40 -20.39 -10.85 -0.59
C ALA A 40 -21.19 -9.68 -0.01
N ALA A 41 -20.88 -8.43 -0.39
CA ALA A 41 -21.56 -7.24 0.17
C ALA A 41 -23.04 -7.24 -0.23
N GLU A 42 -23.32 -7.52 -1.50
CA GLU A 42 -24.71 -7.51 -2.05
C GLU A 42 -25.51 -8.63 -1.39
N LYS A 43 -24.93 -9.80 -1.21
CA LYS A 43 -25.65 -10.93 -0.54
C LYS A 43 -26.00 -10.52 0.89
N LEU A 44 -25.04 -9.96 1.63
CA LEU A 44 -25.28 -9.54 3.01
C LEU A 44 -26.32 -8.41 3.05
N ALA A 45 -26.24 -7.40 2.17
CA ALA A 45 -27.22 -6.30 2.02
C ALA A 45 -28.63 -6.87 1.76
N GLY A 46 -28.72 -7.92 0.94
CA GLY A 46 -30.00 -8.54 0.53
C GLY A 46 -30.67 -9.36 1.60
N ASN A 47 -29.95 -9.82 2.62
CA ASN A 47 -30.47 -10.86 3.54
C ASN A 47 -29.99 -10.63 4.98
N HIS A 48 -29.65 -9.38 5.34
CA HIS A 48 -29.07 -9.14 6.68
C HIS A 48 -30.04 -9.43 7.83
N GLU A 49 -31.37 -9.18 7.69
CA GLU A 49 -32.35 -9.44 8.77
C GLU A 49 -32.27 -10.92 9.15
N ALA A 50 -32.24 -11.81 8.18
CA ALA A 50 -32.26 -13.27 8.40
C ALA A 50 -30.97 -13.71 9.07
N VAL A 51 -29.84 -13.18 8.57
CA VAL A 51 -28.48 -13.47 9.12
C VAL A 51 -28.41 -13.03 10.58
N VAL A 52 -28.81 -11.79 10.85
CA VAL A 52 -28.79 -11.24 12.22
C VAL A 52 -29.69 -12.05 13.17
N LYS A 53 -30.89 -12.43 12.74
CA LYS A 53 -31.81 -13.23 13.58
C LYS A 53 -31.07 -14.52 13.99
N GLU A 54 -30.49 -15.24 13.05
CA GLU A 54 -29.78 -16.51 13.33
C GLU A 54 -28.63 -16.25 14.30
N ALA A 55 -27.91 -15.13 14.15
CA ALA A 55 -26.71 -14.87 14.96
C ALA A 55 -27.12 -14.56 16.40
N GLY A 56 -28.12 -13.72 16.60
CA GLY A 56 -28.57 -13.37 17.96
C GLY A 56 -29.13 -14.60 18.65
N ASP A 57 -29.92 -15.37 17.92
CA ASP A 57 -30.53 -16.61 18.46
C ASP A 57 -29.40 -17.51 18.95
N ALA A 58 -28.34 -17.65 18.16
CA ALA A 58 -27.18 -18.51 18.51
C ALA A 58 -26.54 -18.04 19.83
N CYS A 59 -26.46 -16.72 20.05
CA CYS A 59 -25.88 -16.10 21.27
C CYS A 59 -26.65 -16.61 22.48
N PHE A 60 -27.95 -16.39 22.50
CA PHE A 60 -28.85 -16.71 23.63
C PHE A 60 -29.00 -18.22 23.79
N ALA A 61 -28.96 -18.99 22.71
CA ALA A 61 -28.95 -20.47 22.76
C ALA A 61 -27.74 -20.94 23.59
N LYS A 62 -26.55 -20.39 23.31
CA LYS A 62 -25.28 -20.82 23.95
C LYS A 62 -25.23 -20.30 25.41
N TYR A 63 -25.73 -19.09 25.67
CA TYR A 63 -25.62 -18.41 26.99
C TYR A 63 -26.99 -18.04 27.57
N ALA A 64 -27.84 -19.03 27.89
CA ALA A 64 -29.16 -18.84 28.55
C ALA A 64 -29.03 -17.96 29.80
N TYR A 65 -27.88 -17.98 30.48
CA TYR A 65 -27.60 -17.20 31.71
C TYR A 65 -27.87 -15.70 31.43
N LEU A 66 -27.68 -15.24 30.19
CA LEU A 66 -27.84 -13.81 29.85
C LEU A 66 -29.24 -13.31 30.24
N LYS A 67 -30.26 -14.17 30.17
CA LYS A 67 -31.67 -13.80 30.46
C LYS A 67 -31.92 -13.65 31.97
N ASN A 68 -30.99 -14.08 32.86
CA ASN A 68 -31.17 -14.01 34.34
C ASN A 68 -31.14 -12.55 34.81
N PRO A 69 -32.01 -12.15 35.78
CA PRO A 69 -31.88 -10.84 36.43
C PRO A 69 -30.45 -10.45 36.81
N GLY A 70 -30.10 -9.20 36.55
CA GLY A 70 -28.73 -8.66 36.70
C GLY A 70 -27.95 -8.77 35.41
N GLU A 71 -28.22 -9.79 34.59
CA GLU A 71 -27.38 -10.12 33.42
C GLU A 71 -27.72 -9.16 32.27
N ALA A 72 -26.89 -9.22 31.22
CA ALA A 72 -26.87 -8.26 30.09
C ALA A 72 -28.19 -8.30 29.33
N GLY A 73 -28.83 -9.48 29.21
CA GLY A 73 -30.10 -9.71 28.49
C GLY A 73 -31.29 -9.94 29.42
N GLU A 74 -31.34 -9.26 30.57
CA GLU A 74 -32.33 -9.58 31.63
C GLU A 74 -33.77 -9.29 31.17
N ASN A 75 -33.99 -8.36 30.22
CA ASN A 75 -35.35 -8.04 29.71
C ASN A 75 -35.34 -7.91 28.18
N GLN A 76 -36.55 -7.81 27.60
CA GLN A 76 -36.79 -7.89 26.14
C GLN A 76 -36.11 -6.73 25.41
N GLU A 77 -36.07 -5.53 26.01
CA GLU A 77 -35.46 -4.31 25.39
C GLU A 77 -33.94 -4.51 25.29
N LYS A 78 -33.35 -5.15 26.28
CA LYS A 78 -31.88 -5.40 26.31
C LYS A 78 -31.53 -6.46 25.26
N ILE A 79 -32.32 -7.53 25.21
CA ILE A 79 -32.23 -8.57 24.14
C ILE A 79 -32.34 -7.92 22.75
N ASN A 80 -33.31 -7.03 22.55
CA ASN A 80 -33.46 -6.34 21.25
C ASN A 80 -32.22 -5.47 20.95
N LYS A 81 -31.59 -4.85 21.97
CA LYS A 81 -30.34 -4.05 21.74
C LYS A 81 -29.23 -5.00 21.24
N CYS A 82 -29.18 -6.21 21.78
CA CYS A 82 -28.17 -7.23 21.40
C CYS A 82 -28.27 -7.57 19.91
N TYR A 83 -29.48 -7.82 19.40
CA TYR A 83 -29.69 -8.11 17.96
C TYR A 83 -29.37 -6.87 17.12
N ARG A 84 -29.67 -5.68 17.63
CA ARG A 84 -29.34 -4.40 16.99
C ARG A 84 -27.81 -4.31 16.82
N ASP A 85 -27.08 -4.58 17.88
CA ASP A 85 -25.59 -4.56 17.87
C ASP A 85 -25.07 -5.54 16.81
N VAL A 86 -25.59 -6.78 16.81
CA VAL A 86 -25.16 -7.76 15.77
C VAL A 86 -25.44 -7.18 14.37
N ASP A 87 -26.59 -6.52 14.15
CA ASP A 87 -26.92 -5.89 12.85
C ASP A 87 -25.89 -4.76 12.54
N HIS A 88 -25.55 -3.96 13.55
N HIS A 88 -25.54 -3.97 13.55
CA HIS A 88 -24.53 -2.89 13.44
CA HIS A 88 -24.53 -2.88 13.41
C HIS A 88 -23.24 -3.52 12.90
C HIS A 88 -23.23 -3.50 12.92
N TYR A 89 -22.77 -4.60 13.53
CA TYR A 89 -21.54 -5.27 13.08
C TYR A 89 -21.66 -5.82 11.66
N MET A 90 -22.80 -6.43 11.31
CA MET A 90 -22.98 -6.99 9.96
C MET A 90 -23.01 -5.89 8.92
N ARG A 91 -23.57 -4.72 9.29
CA ARG A 91 -23.55 -3.53 8.44
C ARG A 91 -22.12 -3.02 8.23
N LEU A 92 -21.30 -3.00 9.30
CA LEU A 92 -19.86 -2.66 9.13
C LEU A 92 -19.12 -3.70 8.29
N VAL A 93 -19.47 -5.01 8.39
CA VAL A 93 -18.86 -6.03 7.51
C VAL A 93 -19.22 -5.71 6.05
N ASN A 94 -20.47 -5.35 5.77
CA ASN A 94 -20.91 -4.92 4.42
C ASN A 94 -20.02 -3.76 3.93
N TYR A 95 -19.76 -2.81 4.81
CA TYR A 95 -18.95 -1.61 4.46
C TYR A 95 -17.52 -2.02 4.13
N CYS A 96 -16.94 -2.90 4.95
CA CYS A 96 -15.54 -3.37 4.72
C CYS A 96 -15.46 -4.02 3.35
N LEU A 97 -16.47 -4.83 3.00
CA LEU A 97 -16.49 -5.52 1.67
C LEU A 97 -16.60 -4.53 0.50
N VAL A 98 -17.34 -3.40 0.68
CA VAL A 98 -17.43 -2.31 -0.33
C VAL A 98 -16.11 -1.53 -0.41
N VAL A 99 -15.53 -1.16 0.73
CA VAL A 99 -14.27 -0.35 0.77
C VAL A 99 -13.07 -1.21 0.36
N GLY A 100 -13.10 -2.51 0.62
CA GLY A 100 -11.94 -3.38 0.41
C GLY A 100 -10.88 -3.19 1.48
N GLY A 101 -11.30 -2.95 2.70
CA GLY A 101 -10.42 -2.88 3.87
C GLY A 101 -11.16 -2.84 5.19
N THR A 102 -10.42 -2.96 6.29
CA THR A 102 -10.96 -3.04 7.65
C THR A 102 -11.38 -1.67 8.22
N GLY A 103 -11.14 -0.58 7.50
CA GLY A 103 -11.44 0.79 7.97
C GLY A 103 -12.78 0.88 8.70
N PRO A 104 -13.93 0.55 8.07
CA PRO A 104 -15.21 0.70 8.75
C PRO A 104 -15.35 -0.07 10.06
N LEU A 105 -14.93 -1.35 10.10
CA LEU A 105 -14.89 -2.07 11.39
C LEU A 105 -13.99 -1.33 12.38
N ASP A 106 -12.78 -0.96 11.96
CA ASP A 106 -11.75 -0.38 12.87
C ASP A 106 -12.27 0.91 13.54
N GLU A 107 -12.82 1.80 12.73
CA GLU A 107 -13.21 3.16 13.16
C GLU A 107 -14.51 3.10 13.94
N TRP A 108 -15.50 2.36 13.44
CA TRP A 108 -16.91 2.52 13.89
C TRP A 108 -17.35 1.34 14.74
N GLY A 109 -16.55 0.28 14.85
CA GLY A 109 -16.97 -0.94 15.55
C GLY A 109 -16.00 -1.39 16.63
N ILE A 110 -14.71 -1.37 16.31
CA ILE A 110 -13.65 -1.92 17.19
C ILE A 110 -13.11 -0.83 18.14
N ALA A 111 -12.72 0.34 17.63
CA ALA A 111 -12.17 1.41 18.49
C ALA A 111 -13.16 1.68 19.62
N GLY A 112 -12.69 1.55 20.87
CA GLY A 112 -13.47 1.82 22.10
C GLY A 112 -14.33 0.69 22.57
N ALA A 113 -14.46 -0.39 21.78
CA ALA A 113 -15.41 -1.48 22.12
C ALA A 113 -14.99 -2.14 23.44
N ARG A 114 -13.70 -2.33 23.65
CA ARG A 114 -13.24 -2.99 24.89
C ARG A 114 -13.70 -2.17 26.11
N GLU A 115 -13.48 -0.86 26.08
CA GLU A 115 -13.92 0.05 27.17
C GLU A 115 -15.44 -0.07 27.30
N VAL A 116 -16.17 -0.06 26.19
CA VAL A 116 -17.64 -0.02 26.30
C VAL A 116 -18.17 -1.33 26.91
N TYR A 117 -17.74 -2.47 26.41
CA TYR A 117 -18.26 -3.79 26.85
C TYR A 117 -17.81 -4.02 28.30
N ARG A 118 -16.63 -3.54 28.70
CA ARG A 118 -16.12 -3.71 30.09
C ARG A 118 -17.03 -2.89 31.00
N THR A 119 -17.30 -1.65 30.64
CA THR A 119 -18.00 -0.66 31.50
C THR A 119 -19.47 -1.03 31.63
N LEU A 120 -20.12 -1.54 30.56
CA LEU A 120 -21.57 -1.83 30.58
C LEU A 120 -21.79 -3.31 30.93
N ASN A 121 -20.72 -4.05 31.22
CA ASN A 121 -20.83 -5.47 31.67
C ASN A 121 -21.53 -6.27 30.56
N LEU A 122 -21.04 -6.13 29.34
CA LEU A 122 -21.50 -6.92 28.19
C LEU A 122 -20.40 -7.92 27.90
N PRO A 123 -20.64 -9.23 28.12
CA PRO A 123 -19.61 -10.26 27.92
C PRO A 123 -19.16 -10.39 26.46
N THR A 124 -17.86 -10.26 26.21
CA THR A 124 -17.31 -10.31 24.84
C THR A 124 -17.59 -11.68 24.22
N SER A 125 -17.67 -12.76 25.03
CA SER A 125 -17.98 -14.13 24.54
C SER A 125 -19.30 -14.18 23.78
N ALA A 126 -20.32 -13.41 24.20
CA ALA A 126 -21.61 -13.37 23.51
C ALA A 126 -21.49 -12.81 22.10
N TYR A 127 -20.84 -11.67 21.95
CA TYR A 127 -20.55 -11.09 20.62
C TYR A 127 -19.76 -12.08 19.78
N VAL A 128 -18.69 -12.70 20.32
CA VAL A 128 -17.91 -13.71 19.55
C VAL A 128 -18.83 -14.85 19.14
N ALA A 129 -19.74 -15.28 20.00
CA ALA A 129 -20.67 -16.38 19.68
C ALA A 129 -21.49 -16.01 18.44
N SER A 130 -21.97 -14.78 18.35
CA SER A 130 -22.84 -14.34 17.24
C SER A 130 -22.03 -14.30 15.93
N ILE A 131 -20.81 -13.77 16.01
CA ILE A 131 -19.92 -13.60 14.82
C ILE A 131 -19.43 -14.98 14.35
N ALA A 132 -18.94 -15.79 15.28
CA ALA A 132 -18.43 -17.15 15.01
C ALA A 132 -19.56 -17.98 14.40
N TYR A 133 -20.76 -17.93 14.98
CA TYR A 133 -21.90 -18.71 14.45
C TYR A 133 -22.11 -18.29 13.00
N THR A 134 -22.04 -16.98 12.68
CA THR A 134 -22.26 -16.50 11.29
C THR A 134 -21.18 -17.04 10.34
N ARG A 135 -19.91 -16.97 10.74
CA ARG A 135 -18.75 -17.47 9.96
C ARG A 135 -18.93 -18.98 9.66
N ASP A 136 -19.28 -19.73 10.70
CA ASP A 136 -19.44 -21.20 10.61
C ASP A 136 -20.69 -21.52 9.81
N ARG A 137 -21.72 -20.66 9.84
CA ARG A 137 -23.02 -20.93 9.15
C ARG A 137 -22.87 -20.70 7.64
N LEU A 138 -21.93 -19.84 7.22
CA LEU A 138 -21.67 -19.61 5.78
C LEU A 138 -21.57 -20.95 5.03
N CYS A 139 -22.26 -21.03 3.91
CA CYS A 139 -22.37 -22.26 3.09
C CYS A 139 -21.98 -21.93 1.66
N VAL A 140 -20.77 -22.34 1.27
CA VAL A 140 -20.26 -22.21 -0.11
C VAL A 140 -20.43 -23.58 -0.76
N PRO A 141 -20.96 -23.66 -2.00
CA PRO A 141 -21.49 -22.49 -2.75
C PRO A 141 -22.96 -22.04 -2.64
N ARG A 142 -23.70 -22.51 -1.64
CA ARG A 142 -25.14 -22.23 -1.45
C ARG A 142 -25.39 -20.71 -1.33
N ASP A 143 -24.53 -20.00 -0.62
CA ASP A 143 -24.83 -18.60 -0.20
C ASP A 143 -24.11 -17.61 -1.11
N MET A 144 -22.94 -18.02 -1.59
CA MET A 144 -22.08 -17.18 -2.42
C MET A 144 -20.93 -18.02 -2.99
N SER A 145 -20.18 -17.44 -3.92
CA SER A 145 -18.99 -18.09 -4.51
C SER A 145 -17.92 -18.34 -3.44
N ALA A 146 -16.98 -19.23 -3.75
CA ALA A 146 -15.87 -19.54 -2.83
C ALA A 146 -15.18 -18.21 -2.44
N GLN A 147 -14.77 -17.41 -3.40
CA GLN A 147 -13.88 -16.24 -3.10
C GLN A 147 -14.73 -15.12 -2.45
N ALA A 148 -16.02 -14.96 -2.76
CA ALA A 148 -16.91 -14.09 -1.93
C ALA A 148 -16.85 -14.59 -0.48
N GLY A 149 -16.98 -15.90 -0.28
CA GLY A 149 -16.93 -16.50 1.07
C GLY A 149 -15.61 -16.23 1.76
N VAL A 150 -14.47 -16.22 1.04
CA VAL A 150 -13.16 -15.97 1.71
C VAL A 150 -13.19 -14.52 2.23
N GLU A 151 -13.70 -13.59 1.44
CA GLU A 151 -13.74 -12.14 1.77
C GLU A 151 -14.64 -11.96 3.00
N PHE A 152 -15.84 -12.53 2.96
CA PHE A 152 -16.81 -12.47 4.08
C PHE A 152 -16.17 -13.05 5.34
N SER A 153 -15.60 -14.26 5.24
CA SER A 153 -14.98 -14.95 6.38
C SER A 153 -13.86 -14.10 6.99
N ALA A 154 -12.99 -13.55 6.14
CA ALA A 154 -11.81 -12.74 6.56
C ALA A 154 -12.28 -11.61 7.49
N TYR A 155 -13.37 -10.92 7.14
CA TYR A 155 -13.83 -9.78 7.98
C TYR A 155 -14.46 -10.30 9.28
N LEU A 156 -15.19 -11.42 9.23
CA LEU A 156 -15.75 -12.02 10.46
C LEU A 156 -14.59 -12.45 11.37
N ASP A 157 -13.56 -13.11 10.80
CA ASP A 157 -12.38 -13.54 11.60
C ASP A 157 -11.62 -12.34 12.14
N TYR A 158 -11.59 -11.26 11.37
CA TYR A 158 -10.88 -10.04 11.78
C TYR A 158 -11.54 -9.50 13.05
N LEU A 159 -12.86 -9.43 13.03
CA LEU A 159 -13.68 -8.94 14.17
C LEU A 159 -13.52 -9.86 15.39
N ILE A 160 -13.67 -11.18 15.21
CA ILE A 160 -13.43 -12.16 16.31
C ILE A 160 -12.05 -11.88 16.92
N ASN A 161 -10.98 -11.71 16.09
CA ASN A 161 -9.58 -11.57 16.62
C ASN A 161 -9.49 -10.24 17.38
N ALA A 162 -10.20 -9.22 16.87
CA ALA A 162 -10.26 -7.87 17.48
C ALA A 162 -10.93 -7.93 18.85
N LEU A 163 -11.85 -8.89 19.03
CA LEU A 163 -12.62 -9.02 20.29
C LEU A 163 -11.91 -9.97 21.27
N SER A 164 -10.79 -10.57 20.87
CA SER A 164 -10.10 -11.68 21.57
C SER A 164 -8.68 -11.26 21.92
N MET B 1 -8.78 10.27 5.67
CA MET B 1 -9.21 10.53 4.25
C MET B 1 -10.13 9.40 3.75
N LEU B 2 -11.01 9.76 2.82
CA LEU B 2 -11.97 8.84 2.17
C LEU B 2 -11.56 8.64 0.72
N ASP B 3 -12.03 7.55 0.13
CA ASP B 3 -11.90 7.28 -1.32
C ASP B 3 -13.32 7.18 -1.91
N ALA B 4 -13.44 6.92 -3.20
CA ALA B 4 -14.77 6.88 -3.87
C ALA B 4 -15.68 5.91 -3.10
N PHE B 5 -15.13 4.80 -2.59
CA PHE B 5 -15.90 3.72 -1.93
C PHE B 5 -16.26 4.09 -0.50
N SER B 6 -15.31 4.58 0.30
CA SER B 6 -15.62 4.89 1.70
C SER B 6 -16.51 6.16 1.74
N ARG B 7 -16.47 7.00 0.70
CA ARG B 7 -17.46 8.12 0.56
C ARG B 7 -18.90 7.56 0.50
N VAL B 8 -19.13 6.52 -0.31
CA VAL B 8 -20.48 5.87 -0.40
C VAL B 8 -20.86 5.31 0.97
N VAL B 9 -19.92 4.61 1.63
CA VAL B 9 -20.11 4.03 2.95
C VAL B 9 -20.46 5.12 3.97
N VAL B 10 -19.76 6.26 3.92
CA VAL B 10 -20.08 7.34 4.89
C VAL B 10 -21.53 7.82 4.63
N ASN B 11 -21.93 7.96 3.37
CA ASN B 11 -23.31 8.45 3.03
C ASN B 11 -24.38 7.45 3.52
N SER B 12 -24.12 6.17 3.33
CA SER B 12 -25.01 5.06 3.76
C SER B 12 -25.09 4.96 5.30
N ASP B 13 -23.96 5.05 5.98
CA ASP B 13 -23.94 4.97 7.46
C ASP B 13 -24.81 6.09 8.07
N ALA B 14 -24.88 7.24 7.41
CA ALA B 14 -25.71 8.40 7.84
C ALA B 14 -27.18 7.99 7.88
N LYS B 15 -27.60 7.01 7.07
CA LYS B 15 -28.97 6.45 7.06
C LYS B 15 -29.02 5.04 7.66
N ALA B 16 -27.97 4.61 8.38
CA ALA B 16 -27.87 3.24 8.94
C ALA B 16 -28.28 2.24 7.86
N ALA B 17 -27.74 2.37 6.66
CA ALA B 17 -28.20 1.59 5.49
C ALA B 17 -27.06 0.71 4.98
N TYR B 18 -27.37 -0.53 4.63
CA TYR B 18 -26.42 -1.41 3.91
C TYR B 18 -26.21 -0.84 2.51
N VAL B 19 -25.00 -1.02 1.98
CA VAL B 19 -24.71 -0.78 0.55
C VAL B 19 -25.12 -2.04 -0.23
N GLY B 20 -26.11 -1.92 -1.11
CA GLY B 20 -26.60 -3.05 -1.93
C GLY B 20 -26.49 -2.75 -3.42
N GLY B 21 -27.03 -3.64 -4.27
CA GLY B 21 -26.91 -3.58 -5.73
C GLY B 21 -27.32 -2.22 -6.27
N SER B 22 -28.43 -1.68 -5.80
CA SER B 22 -28.94 -0.34 -6.21
C SER B 22 -27.80 0.67 -6.16
N ASP B 23 -27.04 0.67 -5.06
CA ASP B 23 -26.09 1.74 -4.68
C ASP B 23 -24.74 1.53 -5.36
N LEU B 24 -24.49 0.34 -5.91
CA LEU B 24 -23.12 -0.09 -6.32
C LEU B 24 -22.81 0.19 -7.81
N GLN B 25 -23.76 0.70 -8.58
CA GLN B 25 -23.58 0.78 -10.05
C GLN B 25 -22.44 1.76 -10.36
N ALA B 26 -22.43 2.93 -9.68
CA ALA B 26 -21.36 3.95 -9.82
C ALA B 26 -20.01 3.30 -9.45
N LEU B 27 -19.98 2.54 -8.36
CA LEU B 27 -18.73 1.93 -7.84
C LEU B 27 -18.27 0.81 -8.79
N LYS B 28 -19.19 0.01 -9.35
CA LYS B 28 -18.85 -1.06 -10.34
C LYS B 28 -18.28 -0.41 -11.60
N SER B 29 -18.86 0.72 -12.04
CA SER B 29 -18.34 1.58 -13.13
C SER B 29 -16.99 2.20 -12.76
N PHE B 30 -16.82 2.71 -11.54
CA PHE B 30 -15.50 3.20 -11.06
C PHE B 30 -14.44 2.10 -11.27
N ILE B 31 -14.78 0.86 -10.91
CA ILE B 31 -13.85 -0.29 -11.01
C ILE B 31 -13.57 -0.59 -12.48
N ALA B 32 -14.62 -0.62 -13.31
CA ALA B 32 -14.52 -0.98 -14.74
C ALA B 32 -13.68 0.09 -15.48
N ASP B 33 -13.76 1.35 -15.05
CA ASP B 33 -12.98 2.49 -15.62
C ASP B 33 -11.63 2.69 -14.90
N GLY B 34 -11.29 1.79 -13.96
CA GLY B 34 -10.07 1.85 -13.12
C GLY B 34 -8.78 2.01 -13.91
N ASN B 35 -8.58 1.26 -15.00
CA ASN B 35 -7.31 1.37 -15.79
C ASN B 35 -7.18 2.77 -16.34
N LYS B 36 -8.30 3.35 -16.80
CA LYS B 36 -8.23 4.73 -17.34
C LYS B 36 -7.77 5.66 -16.23
N ARG B 37 -8.30 5.52 -15.00
CA ARG B 37 -7.93 6.42 -13.87
C ARG B 37 -6.43 6.26 -13.54
N LEU B 38 -5.94 5.03 -13.54
CA LEU B 38 -4.47 4.80 -13.36
C LEU B 38 -3.63 5.48 -14.45
N ASP B 39 -4.00 5.35 -15.73
CA ASP B 39 -3.45 6.12 -16.86
C ASP B 39 -3.53 7.64 -16.62
N ALA B 40 -4.67 8.17 -16.17
CA ALA B 40 -4.86 9.62 -16.00
C ALA B 40 -3.81 10.09 -14.99
N VAL B 41 -3.70 9.35 -13.89
CA VAL B 41 -2.77 9.75 -12.80
C VAL B 41 -1.34 9.66 -13.33
N ASN B 42 -0.99 8.60 -14.06
CA ASN B 42 0.33 8.46 -14.68
C ASN B 42 0.61 9.67 -15.60
N SER B 43 -0.35 10.09 -16.44
CA SER B 43 -0.13 11.22 -17.38
C SER B 43 0.24 12.51 -16.62
N ILE B 44 -0.28 12.72 -15.42
CA ILE B 44 -0.01 13.96 -14.64
C ILE B 44 1.35 13.77 -13.95
N VAL B 45 1.56 12.65 -13.26
CA VAL B 45 2.75 12.52 -12.38
C VAL B 45 3.99 12.51 -13.29
N SER B 46 3.84 11.98 -14.50
CA SER B 46 4.96 11.82 -15.46
C SER B 46 5.38 13.18 -16.03
N ASN B 47 4.52 14.19 -15.89
CA ASN B 47 4.84 15.55 -16.41
C ASN B 47 4.84 16.61 -15.30
N ALA B 48 4.97 16.22 -14.04
CA ALA B 48 4.61 17.11 -12.92
C ALA B 48 5.62 18.25 -12.80
N SER B 49 6.91 18.01 -13.06
CA SER B 49 7.95 19.07 -12.95
C SER B 49 7.67 20.16 -14.00
N CYS B 50 7.36 19.77 -15.23
CA CYS B 50 7.13 20.70 -16.34
C CYS B 50 5.85 21.50 -16.04
N MET B 51 4.81 20.85 -15.56
CA MET B 51 3.52 21.52 -15.23
C MET B 51 3.78 22.67 -14.25
N VAL B 52 4.46 22.39 -13.15
CA VAL B 52 4.63 23.38 -12.05
C VAL B 52 5.49 24.53 -12.57
N SER B 53 6.61 24.23 -13.19
CA SER B 53 7.58 25.19 -13.79
CA SER B 53 7.55 25.27 -13.70
C SER B 53 6.83 26.14 -14.73
N ASP B 54 6.10 25.52 -15.66
CA ASP B 54 5.35 26.25 -16.70
C ASP B 54 4.21 27.05 -16.08
N ALA B 55 3.46 26.50 -15.12
CA ALA B 55 2.30 27.18 -14.51
C ALA B 55 2.78 28.41 -13.73
N VAL B 56 3.80 28.28 -12.90
CA VAL B 56 4.32 29.41 -12.09
C VAL B 56 4.95 30.45 -13.03
N SER B 57 5.75 30.04 -14.03
CA SER B 57 6.37 30.97 -15.01
C SER B 57 5.28 31.77 -15.73
N GLY B 58 4.18 31.09 -16.00
CA GLY B 58 3.01 31.64 -16.68
C GLY B 58 2.35 32.73 -15.85
N MET B 59 2.16 32.45 -14.57
CA MET B 59 1.55 33.39 -13.61
C MET B 59 2.41 34.67 -13.63
N ILE B 60 3.74 34.46 -13.65
CA ILE B 60 4.71 35.58 -13.64
C ILE B 60 4.72 36.32 -14.99
N CYS B 61 4.72 35.66 -16.15
CA CYS B 61 4.92 36.44 -17.41
C CYS B 61 3.69 37.33 -17.62
N GLU B 62 2.52 36.89 -17.13
CA GLU B 62 1.23 37.61 -17.20
C GLU B 62 1.17 38.73 -16.17
N ASN B 63 1.98 38.67 -15.11
CA ASN B 63 1.94 39.65 -14.01
C ASN B 63 3.35 39.82 -13.48
N PRO B 64 4.17 40.56 -14.26
CA PRO B 64 5.61 40.63 -13.98
C PRO B 64 5.94 41.41 -12.70
N GLY B 65 4.97 42.12 -12.13
CA GLY B 65 5.06 42.74 -10.81
C GLY B 65 5.40 41.76 -9.70
N LEU B 66 4.99 40.50 -9.83
CA LEU B 66 5.31 39.46 -8.80
C LEU B 66 6.81 39.33 -8.54
N ILE B 67 7.65 39.74 -9.48
CA ILE B 67 9.12 39.55 -9.36
C ILE B 67 9.84 40.90 -9.27
N SER B 68 9.07 42.00 -9.17
CA SER B 68 9.56 43.35 -8.77
C SER B 68 9.90 43.32 -7.28
N PRO B 69 10.70 44.25 -6.73
CA PRO B 69 10.81 44.36 -5.27
C PRO B 69 9.45 44.55 -4.60
N GLY B 70 9.23 43.91 -3.45
CA GLY B 70 7.93 43.93 -2.74
C GLY B 70 6.90 42.99 -3.38
N GLY B 71 7.17 42.51 -4.59
CA GLY B 71 6.46 41.37 -5.18
C GLY B 71 6.67 40.15 -4.31
N MEN B 72 5.45 39.03 -4.65
CA MEN B 72 5.59 38.05 -3.54
C MEN B 72 6.58 36.97 -4.00
O MEN B 72 6.66 35.92 -3.39
CB MEN B 72 4.21 37.55 -3.14
CG MEN B 72 4.24 36.76 -1.86
OD1 MEN B 72 3.95 35.56 -1.88
ND2 MEN B 72 4.67 37.42 -0.77
CE2 MEN B 72 4.75 36.83 0.55
N CYS B 73 7.02 36.96 -5.54
CA CYS B 73 8.00 35.93 -5.95
C CYS B 73 9.41 36.53 -6.02
N TYR B 74 9.62 37.74 -5.52
CA TYR B 74 10.93 38.43 -5.51
C TYR B 74 11.82 37.74 -4.49
N THR B 75 13.06 37.50 -4.95
CA THR B 75 14.13 36.67 -4.33
C THR B 75 13.95 35.20 -4.72
N ASN B 76 15.10 34.52 -4.78
CA ASN B 76 15.14 33.05 -4.94
C ASN B 76 14.36 32.36 -3.82
N ARG B 77 14.42 32.84 -2.57
CA ARG B 77 13.73 32.16 -1.44
C ARG B 77 12.22 32.14 -1.71
N ARG B 78 11.67 33.27 -2.09
CA ARG B 78 10.21 33.36 -2.38
C ARG B 78 9.85 32.51 -3.59
N MET B 79 10.59 32.63 -4.69
CA MET B 79 10.30 31.87 -5.93
C MET B 79 10.31 30.37 -5.58
N ALA B 80 11.27 29.93 -4.77
CA ALA B 80 11.38 28.49 -4.44
C ALA B 80 10.14 28.05 -3.63
N ALA B 81 9.68 28.89 -2.71
CA ALA B 81 8.49 28.61 -1.87
C ALA B 81 7.27 28.51 -2.79
N CYS B 82 7.19 29.38 -3.80
CA CYS B 82 6.03 29.39 -4.72
C CYS B 82 6.05 28.11 -5.56
N LEU B 83 7.16 27.78 -6.20
CA LEU B 83 7.29 26.51 -6.97
C LEU B 83 6.99 25.31 -6.06
N ARG B 84 7.42 25.36 -4.80
N ARG B 84 7.40 25.36 -4.80
CA ARG B 84 7.14 24.30 -3.78
CA ARG B 84 7.11 24.26 -3.84
C ARG B 84 5.62 24.19 -3.59
C ARG B 84 5.61 24.18 -3.60
N ASP B 85 4.94 25.33 -3.44
CA ASP B 85 3.48 25.33 -3.23
C ASP B 85 2.78 24.79 -4.48
N GLY B 86 3.27 25.11 -5.69
CA GLY B 86 2.65 24.60 -6.92
C GLY B 86 2.75 23.07 -6.93
N GLU B 87 3.90 22.53 -6.54
CA GLU B 87 4.15 21.06 -6.54
C GLU B 87 3.26 20.39 -5.47
N ILE B 88 3.16 20.97 -4.28
CA ILE B 88 2.30 20.45 -3.18
C ILE B 88 0.85 20.40 -3.66
N ILE B 89 0.34 21.51 -4.16
CA ILE B 89 -1.06 21.53 -4.64
C ILE B 89 -1.28 20.43 -5.68
N LEU B 90 -0.40 20.35 -6.68
CA LEU B 90 -0.51 19.33 -7.76
C LEU B 90 -0.45 17.93 -7.16
N ARG B 91 0.36 17.73 -6.11
CA ARG B 91 0.47 16.42 -5.44
C ARG B 91 -0.87 16.01 -4.85
N TYR B 92 -1.51 16.90 -4.11
CA TYR B 92 -2.78 16.59 -3.40
C TYR B 92 -3.91 16.44 -4.43
N VAL B 93 -3.93 17.25 -5.51
CA VAL B 93 -4.88 17.03 -6.64
C VAL B 93 -4.63 15.64 -7.22
N SER B 94 -3.38 15.22 -7.45
CA SER B 94 -3.16 13.85 -7.98
C SER B 94 -3.65 12.80 -6.99
N TYR B 95 -3.51 13.00 -5.68
CA TYR B 95 -4.06 12.02 -4.70
C TYR B 95 -5.56 11.95 -4.87
N ALA B 96 -6.21 13.11 -5.03
CA ALA B 96 -7.69 13.17 -5.11
C ALA B 96 -8.17 12.37 -6.33
N LEU B 97 -7.44 12.46 -7.43
CA LEU B 97 -7.83 11.79 -8.70
C LEU B 97 -7.61 10.29 -8.51
N LEU B 98 -6.55 9.90 -7.81
CA LEU B 98 -6.25 8.46 -7.61
C LEU B 98 -7.37 7.84 -6.75
N ALA B 99 -7.81 8.58 -5.74
CA ALA B 99 -8.82 8.14 -4.75
C ALA B 99 -10.26 8.26 -5.25
N GLY B 100 -10.52 9.14 -6.24
CA GLY B 100 -11.88 9.45 -6.72
C GLY B 100 -12.67 10.20 -5.67
N ASP B 101 -11.97 11.01 -4.86
CA ASP B 101 -12.61 11.79 -3.79
C ASP B 101 -11.70 12.95 -3.34
N ALA B 102 -12.29 14.10 -3.03
CA ALA B 102 -11.55 15.35 -2.73
C ALA B 102 -11.09 15.39 -1.29
N SER B 103 -11.43 14.44 -0.43
CA SER B 103 -11.23 14.62 1.03
C SER B 103 -9.74 14.83 1.35
N VAL B 104 -8.81 14.10 0.73
CA VAL B 104 -7.36 14.25 1.07
C VAL B 104 -6.90 15.66 0.72
N LEU B 105 -7.43 16.21 -0.38
CA LEU B 105 -7.12 17.58 -0.81
C LEU B 105 -7.68 18.59 0.21
N GLU B 106 -8.98 18.51 0.51
CA GLU B 106 -9.68 19.46 1.43
C GLU B 106 -9.01 19.40 2.80
N ASP B 107 -8.77 18.20 3.31
CA ASP B 107 -8.40 18.02 4.73
C ASP B 107 -6.92 18.32 4.98
N ARG B 108 -6.01 17.97 4.06
CA ARG B 108 -4.54 17.99 4.34
C ARG B 108 -3.87 19.14 3.58
N CYS B 109 -4.58 19.78 2.66
CA CYS B 109 -3.98 20.86 1.83
C CYS B 109 -4.76 22.14 2.03
N LEU B 110 -6.07 22.12 1.77
CA LEU B 110 -6.89 23.37 1.68
C LEU B 110 -7.33 23.84 3.07
N ASN B 111 -7.38 22.96 4.06
CA ASN B 111 -7.83 23.34 5.43
C ASN B 111 -6.80 24.32 6.01
N GLY B 112 -7.18 25.60 6.14
CA GLY B 112 -6.35 26.64 6.78
C GLY B 112 -5.33 27.29 5.84
N LEU B 113 -5.41 27.01 4.54
CA LEU B 113 -4.46 27.58 3.52
C LEU B 113 -4.81 29.05 3.25
N LYS B 114 -6.11 29.37 3.23
CA LYS B 114 -6.51 30.78 2.98
C LYS B 114 -5.92 31.63 4.10
N GLU B 115 -6.08 31.16 5.34
CA GLU B 115 -5.63 31.89 6.56
C GLU B 115 -4.10 32.05 6.53
N THR B 116 -3.39 30.99 6.13
CA THR B 116 -1.92 31.01 6.00
C THR B 116 -1.51 32.04 4.96
N TYR B 117 -2.13 32.05 3.78
CA TYR B 117 -1.73 32.92 2.65
C TYR B 117 -2.00 34.37 3.08
N ILE B 118 -3.15 34.60 3.74
CA ILE B 118 -3.50 35.93 4.30
C ILE B 118 -2.40 36.44 5.24
N ALA B 119 -2.02 35.62 6.22
CA ALA B 119 -0.98 35.93 7.22
C ALA B 119 0.33 36.23 6.49
N LEU B 120 0.64 35.48 5.42
CA LEU B 120 2.00 35.53 4.83
C LEU B 120 2.07 36.67 3.83
N GLY B 121 0.92 37.14 3.34
CA GLY B 121 0.83 38.09 2.24
C GLY B 121 0.99 37.40 0.92
N VAL B 122 0.61 36.13 0.83
CA VAL B 122 0.68 35.40 -0.46
C VAL B 122 -0.56 35.80 -1.24
N PRO B 123 -0.41 36.35 -2.47
CA PRO B 123 -1.56 36.86 -3.23
C PRO B 123 -2.42 35.67 -3.65
N THR B 124 -3.63 35.58 -3.13
CA THR B 124 -4.52 34.43 -3.46
C THR B 124 -4.95 34.52 -4.93
N ASN B 125 -5.09 35.71 -5.50
CA ASN B 125 -5.50 35.83 -6.93
C ASN B 125 -4.45 35.25 -7.89
N SER B 126 -3.17 35.51 -7.67
CA SER B 126 -2.06 35.05 -8.53
C SER B 126 -1.94 33.53 -8.37
N SER B 127 -2.12 33.07 -7.15
CA SER B 127 -2.12 31.61 -6.81
C SER B 127 -3.19 30.91 -7.64
N ILE B 128 -4.37 31.50 -7.71
CA ILE B 128 -5.51 30.89 -8.44
C ILE B 128 -5.14 30.83 -9.91
N ARG B 129 -4.39 31.83 -10.43
CA ARG B 129 -3.98 31.78 -11.87
C ARG B 129 -3.01 30.62 -12.12
N ALA B 130 -2.07 30.40 -11.22
CA ALA B 130 -1.10 29.28 -11.33
C ALA B 130 -1.89 27.97 -11.38
N VAL B 131 -2.89 27.85 -10.52
CA VAL B 131 -3.71 26.62 -10.37
C VAL B 131 -4.53 26.44 -11.65
N SER B 132 -5.06 27.53 -12.21
CA SER B 132 -5.87 27.45 -13.46
C SER B 132 -5.00 26.98 -14.63
N ILE B 133 -3.75 27.43 -14.70
CA ILE B 133 -2.79 26.90 -15.73
C ILE B 133 -2.56 25.41 -15.48
N MET B 134 -2.31 24.95 -14.26
CA MET B 134 -2.12 23.49 -14.01
C MET B 134 -3.39 22.71 -14.36
N LYS B 135 -4.60 23.24 -14.12
CA LYS B 135 -5.88 22.61 -14.57
C LYS B 135 -5.86 22.40 -16.09
N ALA B 136 -5.48 23.44 -16.84
CA ALA B 136 -5.41 23.42 -18.32
C ALA B 136 -4.41 22.35 -18.80
N GLN B 137 -3.26 22.25 -18.13
CA GLN B 137 -2.22 21.25 -18.47
C GLN B 137 -2.77 19.85 -18.17
N ALA B 138 -3.41 19.69 -17.01
CA ALA B 138 -3.83 18.35 -16.50
C ALA B 138 -4.87 17.82 -17.48
N VAL B 139 -5.86 18.62 -17.87
CA VAL B 139 -6.93 18.17 -18.80
C VAL B 139 -6.30 17.76 -20.15
N ALA B 140 -5.37 18.56 -20.66
CA ALA B 140 -4.61 18.26 -21.90
C ALA B 140 -3.88 16.91 -21.76
N PHE B 141 -3.21 16.63 -20.64
CA PHE B 141 -2.49 15.36 -20.51
C PHE B 141 -3.44 14.17 -20.38
N ILE B 142 -4.50 14.30 -19.59
CA ILE B 142 -5.45 13.18 -19.39
C ILE B 142 -6.06 12.85 -20.77
N THR B 143 -6.27 13.85 -21.62
CA THR B 143 -7.00 13.60 -22.90
C THR B 143 -6.01 13.40 -24.05
N ASN B 144 -4.72 13.41 -23.75
CA ASN B 144 -3.60 13.20 -24.70
C ASN B 144 -3.65 14.27 -25.81
N THR B 145 -3.93 15.51 -25.44
CA THR B 145 -4.11 16.64 -26.41
C THR B 145 -3.12 17.76 -26.08
N ALA B 146 -2.13 17.48 -25.24
CA ALA B 146 -1.05 18.45 -24.96
C ALA B 146 -0.34 18.68 -26.30
N THR B 147 0.05 19.94 -26.57
CA THR B 147 0.64 20.36 -27.86
C THR B 147 2.09 19.87 -27.98
N GLU B 148 2.82 19.72 -26.87
CA GLU B 148 4.30 19.53 -26.89
C GLU B 148 4.70 18.12 -26.45
N ARG B 149 3.76 17.29 -25.96
CA ARG B 149 4.03 15.86 -25.65
C ARG B 149 2.76 15.02 -25.71
N LYS B 150 2.80 13.93 -26.49
CA LYS B 150 1.78 12.84 -26.44
C LYS B 150 2.38 11.64 -25.69
N MET B 151 1.52 10.87 -25.03
CA MET B 151 1.88 9.59 -24.38
C MET B 151 1.04 8.47 -25.02
N SER B 152 1.29 7.23 -24.58
CA SER B 152 0.75 5.95 -25.12
C SER B 152 -0.49 5.48 -24.34
N PHE B 153 -1.62 5.30 -25.03
CA PHE B 153 -2.89 4.81 -24.43
C PHE B 153 -3.68 3.98 -25.45
N ALA B 154 -4.40 2.97 -25.00
CA ALA B 154 -5.52 2.38 -25.79
C ALA B 154 -6.59 3.46 -25.97
N ALA B 155 -7.09 3.72 -27.18
CA ALA B 155 -8.08 4.78 -27.46
C ALA B 155 -9.40 4.54 -26.70
N GLY B 156 -9.94 5.62 -26.13
CA GLY B 156 -11.17 5.60 -25.32
C GLY B 156 -11.51 6.97 -24.78
N ASP B 157 -12.66 7.07 -24.15
CA ASP B 157 -13.19 8.35 -23.65
C ASP B 157 -12.65 8.56 -22.23
N CYS B 158 -11.96 9.67 -21.96
CA CYS B 158 -11.52 10.03 -20.59
C CYS B 158 -12.16 11.37 -20.16
N THR B 159 -13.26 11.77 -20.81
CA THR B 159 -13.93 13.06 -20.53
C THR B 159 -14.21 13.21 -19.04
N SER B 160 -14.82 12.19 -18.44
CA SER B 160 -15.23 12.17 -17.01
CA SER B 160 -15.23 12.15 -17.01
C SER B 160 -13.99 12.40 -16.14
N LEU B 161 -12.88 11.71 -16.43
CA LEU B 161 -11.64 11.87 -15.62
C LEU B 161 -11.10 13.30 -15.76
N ALA B 162 -11.18 13.91 -16.94
CA ALA B 162 -10.74 15.30 -17.18
C ALA B 162 -11.63 16.26 -16.39
N SER B 163 -12.95 16.04 -16.41
CA SER B 163 -13.98 16.85 -15.71
CA SER B 163 -13.96 16.87 -15.71
C SER B 163 -13.71 16.79 -14.20
N GLU B 164 -13.46 15.59 -13.68
CA GLU B 164 -13.17 15.36 -12.26
C GLU B 164 -11.91 16.10 -11.84
N VAL B 165 -10.82 15.97 -12.59
CA VAL B 165 -9.56 16.62 -12.12
C VAL B 165 -9.78 18.14 -12.14
N ALA B 166 -10.47 18.65 -13.15
CA ALA B 166 -10.80 20.10 -13.27
C ALA B 166 -11.55 20.54 -12.02
N SER B 167 -12.47 19.70 -11.50
CA SER B 167 -13.28 19.98 -10.29
C SER B 167 -12.35 20.04 -9.05
N TYR B 168 -11.27 19.26 -9.02
CA TYR B 168 -10.35 19.27 -7.87
C TYR B 168 -9.58 20.60 -7.92
N PHE B 169 -9.05 20.98 -9.07
CA PHE B 169 -8.28 22.24 -9.24
C PHE B 169 -9.19 23.39 -8.77
N ASP B 170 -10.48 23.32 -9.16
CA ASP B 170 -11.48 24.39 -8.88
C ASP B 170 -11.69 24.53 -7.37
N ARG B 171 -11.62 23.45 -6.60
CA ARG B 171 -11.72 23.51 -5.12
C ARG B 171 -10.59 24.36 -4.54
N VAL B 172 -9.40 24.33 -5.13
CA VAL B 172 -8.29 25.11 -4.51
C VAL B 172 -8.68 26.59 -4.54
N GLY B 173 -9.08 27.05 -5.71
CA GLY B 173 -9.44 28.46 -5.90
C GLY B 173 -10.64 28.81 -5.05
N ALA B 174 -11.59 27.88 -4.94
CA ALA B 174 -12.77 28.05 -4.04
C ALA B 174 -12.32 28.24 -2.58
N ALA B 175 -11.41 27.41 -2.06
CA ALA B 175 -10.93 27.46 -0.66
C ALA B 175 -10.17 28.77 -0.34
N ILE B 176 -9.41 29.34 -1.26
CA ILE B 176 -8.51 30.49 -0.92
C ILE B 176 -9.05 31.81 -1.47
N SER B 177 -10.13 31.80 -2.25
CA SER B 177 -10.86 33.00 -2.75
C SER B 177 -11.57 33.72 -1.58
N MET C 1 13.36 -0.92 0.64
CA MET C 1 13.17 -0.81 -0.84
C MET C 1 11.68 -0.62 -1.15
N LYS C 2 11.29 0.53 -1.67
CA LYS C 2 9.87 0.77 -1.97
C LYS C 2 9.36 -0.14 -3.08
N SER C 3 8.33 -0.91 -2.73
N SER C 3 8.36 -0.95 -2.72
CA SER C 3 7.60 -1.86 -3.60
CA SER C 3 7.60 -1.88 -3.59
C SER C 3 6.15 -1.94 -3.10
C SER C 3 6.15 -1.90 -3.12
N VAL C 4 5.29 -2.67 -3.79
CA VAL C 4 3.92 -2.89 -3.29
C VAL C 4 4.04 -3.48 -1.90
N ILE C 5 4.84 -4.55 -1.77
CA ILE C 5 4.85 -5.37 -0.54
C ILE C 5 5.42 -4.54 0.60
N THR C 6 6.57 -3.86 0.37
CA THR C 6 7.23 -3.11 1.49
C THR C 6 6.33 -1.94 1.92
N THR C 7 5.63 -1.27 1.00
CA THR C 7 4.69 -0.21 1.39
C THR C 7 3.65 -0.77 2.34
N VAL C 8 2.98 -1.86 1.99
CA VAL C 8 1.83 -2.30 2.84
C VAL C 8 2.36 -2.88 4.16
N VAL C 9 3.50 -3.55 4.12
CA VAL C 9 4.06 -4.13 5.37
C VAL C 9 4.50 -2.99 6.29
N SER C 10 5.14 -1.96 5.76
N SER C 10 5.16 -1.96 5.76
CA SER C 10 5.66 -0.85 6.60
CA SER C 10 5.64 -0.84 6.61
C SER C 10 4.46 -0.11 7.22
C SER C 10 4.43 -0.19 7.26
N ALA C 11 3.33 -0.04 6.50
CA ALA C 11 2.10 0.62 6.99
C ALA C 11 1.51 -0.22 8.11
N ALA C 12 1.45 -1.54 7.94
CA ALA C 12 0.93 -2.47 8.96
C ALA C 12 1.81 -2.36 10.21
N ASP C 13 3.11 -2.31 10.02
CA ASP C 13 4.08 -2.30 11.14
C ASP C 13 3.96 -1.00 11.93
N ALA C 14 3.82 0.15 11.25
CA ALA C 14 3.58 1.46 11.91
C ALA C 14 2.38 1.40 12.88
N ALA C 15 1.34 0.65 12.54
CA ALA C 15 0.08 0.59 13.30
C ALA C 15 0.03 -0.69 14.17
N GLY C 16 1.07 -1.51 14.16
CA GLY C 16 1.08 -2.73 14.99
C GLY C 16 0.05 -3.75 14.55
N ARG C 17 -0.19 -3.82 13.23
CA ARG C 17 -1.28 -4.62 12.61
C ARG C 17 -0.70 -5.87 11.96
N PHE C 18 -1.43 -6.98 12.02
CA PHE C 18 -1.20 -8.09 11.08
C PHE C 18 -1.54 -7.61 9.67
N PRO C 19 -1.04 -8.30 8.64
CA PRO C 19 -1.59 -8.10 7.30
C PRO C 19 -3.09 -8.31 7.30
N SER C 20 -3.84 -7.46 6.56
CA SER C 20 -5.32 -7.59 6.42
C SER C 20 -5.73 -7.53 4.95
N ASN C 21 -7.04 -7.51 4.67
CA ASN C 21 -7.54 -7.77 3.29
C ASN C 21 -6.94 -6.76 2.29
N SER C 22 -6.90 -5.47 2.63
CA SER C 22 -6.42 -4.44 1.69
C SER C 22 -4.94 -4.71 1.39
N ASP C 23 -4.16 -5.26 2.34
CA ASP C 23 -2.76 -5.61 2.04
C ASP C 23 -2.68 -6.76 1.04
N LEU C 24 -3.45 -7.84 1.24
CA LEU C 24 -3.45 -8.96 0.25
C LEU C 24 -3.92 -8.43 -1.08
N GLU C 25 -4.94 -7.57 -1.09
CA GLU C 25 -5.54 -7.07 -2.34
C GLU C 25 -4.45 -6.27 -3.10
N SER C 26 -3.64 -5.47 -2.39
CA SER C 26 -2.56 -4.70 -3.04
C SER C 26 -1.61 -5.66 -3.74
N ILE C 27 -1.23 -6.76 -3.09
CA ILE C 27 -0.19 -7.69 -3.62
C ILE C 27 -0.78 -8.43 -4.84
N GLN C 28 -2.09 -8.69 -4.86
CA GLN C 28 -2.77 -9.22 -6.07
C GLN C 28 -2.50 -8.28 -7.25
N GLY C 29 -2.42 -6.96 -7.01
CA GLY C 29 -1.95 -6.00 -8.03
C GLY C 29 -0.60 -6.38 -8.61
N ASN C 30 0.39 -6.82 -7.80
CA ASN C 30 1.69 -7.36 -8.31
C ASN C 30 1.47 -8.41 -9.38
N ILE C 31 0.72 -9.46 -9.04
CA ILE C 31 0.47 -10.65 -9.89
C ILE C 31 -0.08 -10.14 -11.22
N GLN C 32 -0.87 -9.08 -11.18
CA GLN C 32 -1.58 -8.63 -12.40
C GLN C 32 -0.65 -7.83 -13.31
N ARG C 33 0.24 -7.01 -12.75
CA ARG C 33 1.01 -5.99 -13.51
C ARG C 33 2.39 -6.56 -13.82
N SER C 34 2.76 -7.68 -13.20
CA SER C 34 4.16 -8.17 -13.23
C SER C 34 4.57 -8.53 -14.66
N ALA C 35 3.67 -9.14 -15.45
CA ALA C 35 4.02 -9.62 -16.80
C ALA C 35 4.61 -8.46 -17.61
N ALA C 36 3.90 -7.33 -17.66
CA ALA C 36 4.31 -6.11 -18.39
C ALA C 36 5.67 -5.59 -17.91
N ARG C 37 5.87 -5.39 -16.60
CA ARG C 37 7.17 -4.83 -16.15
C ARG C 37 8.31 -5.83 -16.31
N LEU C 38 8.06 -7.13 -16.13
CA LEU C 38 9.16 -8.13 -16.30
C LEU C 38 9.55 -8.20 -17.78
N GLU C 39 8.63 -7.90 -18.69
CA GLU C 39 8.98 -7.95 -20.14
C GLU C 39 9.94 -6.80 -20.43
N ALA C 40 9.59 -5.60 -19.95
CA ALA C 40 10.46 -4.41 -20.00
C ALA C 40 11.84 -4.75 -19.42
N ALA C 41 11.92 -5.34 -18.24
CA ALA C 41 13.22 -5.60 -17.56
C ALA C 41 14.08 -6.51 -18.46
N GLU C 42 13.48 -7.57 -19.00
CA GLU C 42 14.20 -8.59 -19.80
C GLU C 42 14.72 -7.94 -21.08
N LYS C 43 13.91 -7.10 -21.69
CA LYS C 43 14.31 -6.45 -22.97
C LYS C 43 15.48 -5.52 -22.68
N LEU C 44 15.39 -4.72 -21.62
CA LEU C 44 16.49 -3.83 -21.19
C LEU C 44 17.75 -4.67 -20.89
N ALA C 45 17.63 -5.75 -20.12
CA ALA C 45 18.75 -6.64 -19.73
C ALA C 45 19.48 -7.14 -20.98
N GLY C 46 18.73 -7.47 -22.02
CA GLY C 46 19.25 -8.12 -23.23
C GLY C 46 19.87 -7.13 -24.20
N ASN C 47 19.59 -5.83 -24.07
CA ASN C 47 20.03 -4.84 -25.09
C ASN C 47 20.57 -3.54 -24.47
N HIS C 48 21.01 -3.56 -23.19
CA HIS C 48 21.37 -2.29 -22.48
C HIS C 48 22.59 -1.64 -23.13
N GLU C 49 23.56 -2.43 -23.61
CA GLU C 49 24.81 -1.90 -24.23
C GLU C 49 24.43 -0.98 -25.40
N ALA C 50 23.52 -1.40 -26.27
CA ALA C 50 23.14 -0.60 -27.46
C ALA C 50 22.28 0.61 -27.07
N VAL C 51 21.37 0.41 -26.11
CA VAL C 51 20.55 1.51 -25.52
C VAL C 51 21.47 2.57 -24.93
N VAL C 52 22.45 2.16 -24.12
CA VAL C 52 23.38 3.09 -23.42
C VAL C 52 24.23 3.86 -24.43
N LYS C 53 24.74 3.20 -25.46
CA LYS C 53 25.55 3.91 -26.50
C LYS C 53 24.66 4.99 -27.14
N GLU C 54 23.43 4.67 -27.55
CA GLU C 54 22.59 5.70 -28.22
C GLU C 54 22.39 6.84 -27.24
N ALA C 55 22.17 6.53 -25.96
CA ALA C 55 21.82 7.54 -24.95
C ALA C 55 23.00 8.51 -24.76
N GLY C 56 24.20 7.99 -24.51
CA GLY C 56 25.41 8.84 -24.32
C GLY C 56 25.69 9.63 -25.59
N ASP C 57 25.52 8.96 -26.72
CA ASP C 57 25.74 9.58 -28.04
C ASP C 57 24.84 10.82 -28.16
N ALA C 58 23.55 10.70 -27.80
CA ALA C 58 22.56 11.81 -27.93
C ALA C 58 22.98 12.97 -27.00
N CYS C 59 23.50 12.65 -25.82
CA CYS C 59 23.94 13.67 -24.86
C CYS C 59 25.02 14.51 -25.52
N PHE C 60 26.07 13.90 -26.08
CA PHE C 60 27.25 14.63 -26.60
C PHE C 60 26.89 15.30 -27.94
N ALA C 61 25.92 14.75 -28.64
CA ALA C 61 25.40 15.35 -29.90
C ALA C 61 24.69 16.65 -29.55
N LYS C 62 23.93 16.68 -28.45
CA LYS C 62 23.10 17.86 -28.07
C LYS C 62 24.00 18.93 -27.43
N TYR C 63 25.04 18.49 -26.71
CA TYR C 63 25.86 19.37 -25.84
C TYR C 63 27.34 19.18 -26.14
N ALA C 64 27.75 19.58 -27.34
CA ALA C 64 29.14 19.42 -27.82
C ALA C 64 30.10 20.24 -26.94
N TYR C 65 29.61 21.25 -26.23
CA TYR C 65 30.41 22.15 -25.35
C TYR C 65 31.00 21.33 -24.18
N LEU C 66 30.39 20.18 -23.84
CA LEU C 66 30.90 19.23 -22.83
C LEU C 66 32.35 18.83 -23.16
N LYS C 67 32.69 18.70 -24.45
CA LYS C 67 34.03 18.18 -24.85
C LYS C 67 35.10 19.28 -24.76
N ASN C 68 34.74 20.50 -24.33
CA ASN C 68 35.67 21.67 -24.25
C ASN C 68 36.53 21.59 -22.99
N PRO C 69 37.67 22.33 -22.96
CA PRO C 69 38.52 22.37 -21.76
C PRO C 69 37.78 22.86 -20.49
N GLY C 70 38.02 22.19 -19.36
CA GLY C 70 37.42 22.52 -18.05
C GLY C 70 35.99 22.04 -17.92
N GLU C 71 35.39 21.51 -18.99
CA GLU C 71 33.97 21.02 -18.97
C GLU C 71 33.95 19.50 -18.71
N ALA C 72 32.77 18.92 -18.57
CA ALA C 72 32.57 17.61 -17.93
C ALA C 72 33.02 16.44 -18.80
N GLY C 73 33.02 16.57 -20.14
CA GLY C 73 33.50 15.53 -21.07
C GLY C 73 34.79 15.93 -21.79
N GLU C 74 35.69 16.60 -21.08
CA GLU C 74 36.90 17.23 -21.68
C GLU C 74 37.98 16.19 -22.05
N ASN C 75 37.91 14.95 -21.59
CA ASN C 75 38.84 13.88 -22.04
C ASN C 75 38.07 12.57 -22.13
N GLN C 76 38.70 11.52 -22.67
CA GLN C 76 38.02 10.25 -23.05
C GLN C 76 37.59 9.51 -21.79
N GLU C 77 38.38 9.64 -20.73
CA GLU C 77 38.15 9.01 -19.41
C GLU C 77 36.86 9.58 -18.81
N LYS C 78 36.65 10.89 -18.91
CA LYS C 78 35.44 11.57 -18.38
C LYS C 78 34.24 11.23 -19.26
N ILE C 79 34.40 11.23 -20.58
CA ILE C 79 33.34 10.75 -21.50
C ILE C 79 32.99 9.30 -21.10
N ASN C 80 33.96 8.44 -20.81
CA ASN C 80 33.66 7.01 -20.54
C ASN C 80 32.83 6.90 -19.26
N LYS C 81 33.14 7.70 -18.23
CA LYS C 81 32.36 7.72 -16.97
C LYS C 81 30.94 8.20 -17.28
N CYS C 82 30.76 9.05 -18.30
CA CYS C 82 29.41 9.56 -18.64
C CYS C 82 28.54 8.40 -19.14
N TYR C 83 29.08 7.58 -20.04
CA TYR C 83 28.35 6.40 -20.56
C TYR C 83 28.15 5.43 -19.39
N ARG C 84 29.15 5.28 -18.50
CA ARG C 84 29.04 4.32 -17.38
C ARG C 84 27.82 4.71 -16.53
N ASP C 85 27.70 6.01 -16.26
CA ASP C 85 26.59 6.57 -15.44
C ASP C 85 25.26 6.27 -16.11
N VAL C 86 25.16 6.44 -17.41
CA VAL C 86 23.91 6.15 -18.15
C VAL C 86 23.62 4.66 -18.01
N ASP C 87 24.66 3.84 -18.09
CA ASP C 87 24.49 2.38 -17.88
C ASP C 87 23.92 2.18 -16.46
N HIS C 88 24.57 2.78 -15.42
N HIS C 88 24.54 2.80 -15.44
CA HIS C 88 24.15 2.70 -13.99
CA HIS C 88 24.13 2.62 -14.02
C HIS C 88 22.65 2.98 -13.89
C HIS C 88 22.65 2.98 -13.88
N TYR C 89 22.21 4.08 -14.50
CA TYR C 89 20.77 4.46 -14.44
C TYR C 89 19.88 3.41 -15.12
N MET C 90 20.29 2.88 -16.28
CA MET C 90 19.47 1.87 -17.00
C MET C 90 19.43 0.57 -16.18
N ARG C 91 20.53 0.20 -15.50
CA ARG C 91 20.53 -0.97 -14.58
C ARG C 91 19.58 -0.71 -13.40
N LEU C 92 19.55 0.52 -12.85
CA LEU C 92 18.52 0.82 -11.81
C LEU C 92 17.10 0.80 -12.38
N VAL C 93 16.88 1.19 -13.62
CA VAL C 93 15.53 1.12 -14.25
C VAL C 93 15.15 -0.36 -14.38
N ASN C 94 16.06 -1.18 -14.86
CA ASN C 94 15.88 -2.66 -14.85
C ASN C 94 15.41 -3.14 -13.46
N TYR C 95 16.10 -2.74 -12.40
CA TYR C 95 15.77 -3.14 -11.01
C TYR C 95 14.38 -2.64 -10.62
N CYS C 96 14.07 -1.39 -10.92
CA CYS C 96 12.71 -0.84 -10.62
C CYS C 96 11.62 -1.74 -11.25
N LEU C 97 11.85 -2.20 -12.49
CA LEU C 97 10.88 -2.99 -13.28
C LEU C 97 10.74 -4.37 -12.64
N VAL C 98 11.82 -4.89 -12.06
CA VAL C 98 11.75 -6.20 -11.35
C VAL C 98 11.05 -6.06 -9.98
N VAL C 99 11.42 -5.05 -9.19
CA VAL C 99 10.81 -4.83 -7.84
C VAL C 99 9.37 -4.35 -7.96
N GLY C 100 8.99 -3.73 -9.08
CA GLY C 100 7.66 -3.08 -9.21
C GLY C 100 7.56 -1.83 -8.38
N GLY C 101 8.66 -1.08 -8.24
CA GLY C 101 8.69 0.16 -7.44
C GLY C 101 9.91 1.02 -7.72
N THR C 102 9.86 2.28 -7.31
CA THR C 102 10.97 3.24 -7.54
C THR C 102 12.16 3.00 -6.58
N GLY C 103 12.01 2.10 -5.63
CA GLY C 103 13.02 1.96 -4.55
C GLY C 103 14.47 1.95 -5.09
N PRO C 104 14.83 1.08 -6.05
CA PRO C 104 16.20 1.06 -6.57
C PRO C 104 16.70 2.43 -7.07
N LEU C 105 15.93 3.13 -7.90
CA LEU C 105 16.29 4.51 -8.31
C LEU C 105 16.42 5.43 -7.09
N ASP C 106 15.42 5.41 -6.21
CA ASP C 106 15.35 6.29 -5.04
C ASP C 106 16.64 6.18 -4.23
N GLU C 107 17.06 4.97 -3.93
CA GLU C 107 18.05 4.71 -2.87
C GLU C 107 19.42 4.77 -3.53
N TRP C 108 19.54 4.26 -4.75
CA TRP C 108 20.88 4.00 -5.31
C TRP C 108 21.26 5.04 -6.36
N GLY C 109 20.30 5.77 -6.94
CA GLY C 109 20.62 6.71 -8.01
C GLY C 109 20.20 8.13 -7.74
N ILE C 110 19.10 8.35 -7.03
CA ILE C 110 18.56 9.75 -6.88
C ILE C 110 19.08 10.37 -5.58
N ALA C 111 19.06 9.60 -4.49
CA ALA C 111 19.41 10.15 -3.16
C ALA C 111 20.86 10.63 -3.23
N GLY C 112 21.12 11.90 -2.96
CA GLY C 112 22.46 12.49 -3.01
C GLY C 112 22.86 13.01 -4.39
N ALA C 113 22.09 12.73 -5.44
CA ALA C 113 22.53 12.99 -6.83
C ALA C 113 22.69 14.49 -7.08
N ARG C 114 21.76 15.31 -6.59
CA ARG C 114 21.81 16.79 -6.73
C ARG C 114 23.12 17.33 -6.13
N GLU C 115 23.48 16.92 -4.92
CA GLU C 115 24.73 17.29 -4.19
C GLU C 115 25.94 16.84 -5.02
N VAL C 116 25.96 15.61 -5.47
CA VAL C 116 27.12 15.09 -6.24
C VAL C 116 27.27 15.88 -7.55
N TYR C 117 26.18 16.05 -8.30
CA TYR C 117 26.30 16.63 -9.66
C TYR C 117 26.69 18.11 -9.53
N ARG C 118 26.18 18.77 -8.48
N ARG C 118 26.18 18.76 -8.48
CA ARG C 118 26.48 20.20 -8.18
CA ARG C 118 26.46 20.19 -8.15
C ARG C 118 27.98 20.37 -7.83
C ARG C 118 27.97 20.37 -7.82
N THR C 119 28.48 19.54 -6.92
CA THR C 119 29.88 19.60 -6.41
C THR C 119 30.88 19.25 -7.52
N LEU C 120 30.56 18.25 -8.36
CA LEU C 120 31.47 17.80 -9.44
C LEU C 120 31.21 18.58 -10.75
N ASN C 121 30.30 19.54 -10.69
CA ASN C 121 30.00 20.46 -11.83
C ASN C 121 29.57 19.62 -13.03
N LEU C 122 28.72 18.61 -12.80
CA LEU C 122 28.13 17.78 -13.89
C LEU C 122 26.74 18.29 -14.22
N PRO C 123 26.47 18.90 -15.40
CA PRO C 123 25.18 19.51 -15.68
C PRO C 123 24.06 18.47 -15.79
N THR C 124 22.99 18.67 -15.00
CA THR C 124 21.87 17.70 -14.94
C THR C 124 21.18 17.63 -16.32
N SER C 125 21.20 18.70 -17.13
CA SER C 125 20.56 18.68 -18.47
C SER C 125 21.17 17.60 -19.35
N ALA C 126 22.46 17.29 -19.16
CA ALA C 126 23.22 16.25 -19.88
C ALA C 126 22.61 14.89 -19.53
N TYR C 127 22.38 14.64 -18.25
CA TYR C 127 21.73 13.38 -17.84
C TYR C 127 20.32 13.31 -18.40
N VAL C 128 19.53 14.39 -18.26
CA VAL C 128 18.13 14.44 -18.76
C VAL C 128 18.14 14.17 -20.28
N ALA C 129 19.10 14.73 -21.03
CA ALA C 129 19.16 14.49 -22.50
C ALA C 129 19.26 12.99 -22.77
N SER C 130 20.16 12.31 -22.07
CA SER C 130 20.37 10.85 -22.25
C SER C 130 19.07 10.07 -21.94
N ILE C 131 18.36 10.45 -20.90
CA ILE C 131 17.17 9.70 -20.41
C ILE C 131 15.96 9.99 -21.30
N ALA C 132 15.75 11.26 -21.58
CA ALA C 132 14.67 11.67 -22.50
C ALA C 132 14.91 11.09 -23.90
N TYR C 133 16.14 10.96 -24.35
CA TYR C 133 16.39 10.43 -25.71
C TYR C 133 15.90 8.97 -25.73
N THR C 134 16.20 8.24 -24.68
CA THR C 134 15.86 6.81 -24.52
C THR C 134 14.34 6.68 -24.48
N ARG C 135 13.68 7.52 -23.68
CA ARG C 135 12.21 7.54 -23.52
C ARG C 135 11.56 7.71 -24.90
N ASP C 136 12.07 8.65 -25.70
CA ASP C 136 11.47 9.08 -27.00
C ASP C 136 11.90 8.14 -28.12
N ARG C 137 13.02 7.45 -27.96
CA ARG C 137 13.53 6.43 -28.91
C ARG C 137 12.59 5.23 -28.90
N LEU C 138 11.91 4.97 -27.78
CA LEU C 138 11.10 3.74 -27.59
C LEU C 138 10.08 3.61 -28.71
N CYS C 139 10.05 2.44 -29.33
CA CYS C 139 9.13 2.14 -30.45
C CYS C 139 8.32 0.89 -30.09
N VAL C 140 7.00 1.03 -29.89
CA VAL C 140 6.06 -0.07 -29.49
C VAL C 140 5.21 -0.49 -30.70
N PRO C 141 5.02 -1.81 -30.97
CA PRO C 141 5.60 -2.92 -30.18
C PRO C 141 6.92 -3.52 -30.67
N ARG C 142 7.63 -2.80 -31.53
CA ARG C 142 8.96 -3.17 -32.06
C ARG C 142 9.87 -3.61 -30.90
N ASP C 143 9.97 -2.76 -29.88
CA ASP C 143 11.00 -2.93 -28.84
C ASP C 143 10.45 -3.70 -27.64
N MET C 144 9.16 -3.51 -27.33
CA MET C 144 8.40 -4.28 -26.32
C MET C 144 6.91 -4.04 -26.52
N SER C 145 6.07 -4.75 -25.76
CA SER C 145 4.60 -4.55 -25.80
C SER C 145 4.24 -3.15 -25.29
N ALA C 146 2.99 -2.73 -25.56
CA ALA C 146 2.40 -1.43 -25.16
C ALA C 146 2.64 -1.26 -23.67
N GLN C 147 2.20 -2.22 -22.85
CA GLN C 147 2.22 -2.01 -21.38
C GLN C 147 3.63 -2.25 -20.81
N ALA C 148 4.52 -2.97 -21.48
CA ALA C 148 5.94 -2.95 -21.08
C ALA C 148 6.48 -1.54 -21.35
N GLY C 149 6.15 -0.92 -22.48
CA GLY C 149 6.65 0.43 -22.75
C GLY C 149 6.08 1.44 -21.74
N VAL C 150 4.84 1.26 -21.27
CA VAL C 150 4.23 2.16 -20.24
C VAL C 150 5.07 2.04 -18.97
N GLU C 151 5.40 0.82 -18.58
CA GLU C 151 6.21 0.62 -17.35
C GLU C 151 7.59 1.25 -17.51
N PHE C 152 8.31 0.92 -18.59
CA PHE C 152 9.65 1.48 -18.89
C PHE C 152 9.62 3.01 -18.89
N SER C 153 8.73 3.59 -19.66
CA SER C 153 8.58 5.06 -19.80
C SER C 153 8.31 5.69 -18.42
N ALA C 154 7.48 5.06 -17.60
CA ALA C 154 7.12 5.61 -16.27
C ALA C 154 8.39 5.76 -15.42
N TYR C 155 9.32 4.81 -15.46
CA TYR C 155 10.55 4.96 -14.62
C TYR C 155 11.46 6.03 -15.24
N LEU C 156 11.46 6.12 -16.58
CA LEU C 156 12.37 7.10 -17.21
C LEU C 156 11.86 8.50 -16.84
N ASP C 157 10.54 8.71 -16.90
CA ASP C 157 9.93 10.01 -16.53
C ASP C 157 10.18 10.28 -15.04
N TYR C 158 10.09 9.25 -14.23
CA TYR C 158 10.31 9.37 -12.77
C TYR C 158 11.72 9.92 -12.56
N LEU C 159 12.71 9.37 -13.28
CA LEU C 159 14.11 9.81 -13.16
C LEU C 159 14.25 11.25 -13.68
N ILE C 160 13.67 11.57 -14.85
CA ILE C 160 13.74 12.95 -15.40
C ILE C 160 13.17 13.93 -14.37
N ASN C 161 12.03 13.59 -13.77
CA ASN C 161 11.32 14.52 -12.85
C ASN C 161 12.21 14.69 -11.62
N ALA C 162 12.89 13.64 -11.20
CA ALA C 162 13.74 13.66 -9.99
C ALA C 162 14.95 14.56 -10.23
N LEU C 163 15.41 14.69 -11.47
CA LEU C 163 16.57 15.55 -11.85
C LEU C 163 16.13 16.99 -12.17
N SER C 164 14.84 17.33 -12.11
CA SER C 164 14.25 18.60 -12.59
C SER C 164 13.41 19.25 -11.48
N MET D 1 13.60 -2.59 4.56
CA MET D 1 13.21 -4.05 4.36
C MET D 1 13.23 -4.41 2.87
N LEU D 2 13.52 -5.69 2.61
CA LEU D 2 13.53 -6.31 1.25
C LEU D 2 12.37 -7.29 1.15
N ASP D 3 11.92 -7.54 -0.07
CA ASP D 3 10.96 -8.61 -0.42
C ASP D 3 11.68 -9.57 -1.37
N ALA D 4 11.06 -10.70 -1.73
CA ALA D 4 11.68 -11.69 -2.65
C ALA D 4 12.25 -10.99 -3.90
N PHE D 5 11.61 -9.96 -4.43
CA PHE D 5 12.07 -9.27 -5.67
C PHE D 5 13.31 -8.43 -5.39
N SER D 6 13.28 -7.57 -4.37
CA SER D 6 14.42 -6.67 -4.10
C SER D 6 15.63 -7.44 -3.55
N ARG D 7 15.40 -8.63 -2.98
CA ARG D 7 16.51 -9.51 -2.57
C ARG D 7 17.33 -9.87 -3.81
N VAL D 8 16.66 -10.32 -4.87
CA VAL D 8 17.30 -10.67 -6.16
C VAL D 8 18.06 -9.44 -6.67
N VAL D 9 17.41 -8.28 -6.68
CA VAL D 9 18.06 -7.02 -7.15
C VAL D 9 19.32 -6.69 -6.32
N VAL D 10 19.25 -6.86 -5.00
CA VAL D 10 20.45 -6.61 -4.15
C VAL D 10 21.58 -7.57 -4.55
N ASN D 11 21.29 -8.86 -4.69
CA ASN D 11 22.30 -9.86 -5.11
C ASN D 11 22.84 -9.47 -6.49
N SER D 12 22.01 -9.02 -7.43
CA SER D 12 22.48 -8.64 -8.79
C SER D 12 23.32 -7.36 -8.74
N ASP D 13 22.93 -6.41 -7.91
CA ASP D 13 23.67 -5.12 -7.74
C ASP D 13 25.10 -5.38 -7.22
N ALA D 14 25.30 -6.41 -6.39
CA ALA D 14 26.63 -6.76 -5.86
C ALA D 14 27.57 -7.14 -7.01
N LYS D 15 27.02 -7.66 -8.11
CA LYS D 15 27.79 -8.08 -9.31
C LYS D 15 27.72 -7.02 -10.43
N ALA D 16 27.16 -5.85 -10.15
CA ALA D 16 26.77 -4.82 -11.14
C ALA D 16 26.06 -5.48 -12.31
N ALA D 17 25.11 -6.39 -12.06
CA ALA D 17 24.44 -7.16 -13.13
C ALA D 17 22.99 -6.73 -13.29
N TYR D 18 22.52 -6.71 -14.54
CA TYR D 18 21.08 -6.61 -14.88
C TYR D 18 20.41 -7.92 -14.53
N VAL D 19 19.19 -7.85 -14.06
CA VAL D 19 18.32 -9.03 -13.85
C VAL D 19 17.71 -9.37 -15.19
N GLY D 20 18.13 -10.51 -15.75
CA GLY D 20 17.65 -10.99 -17.05
C GLY D 20 16.82 -12.25 -16.93
N GLY D 21 16.27 -12.73 -18.07
CA GLY D 21 15.51 -13.99 -18.17
C GLY D 21 16.15 -15.09 -17.35
N SER D 22 17.45 -15.30 -17.52
CA SER D 22 18.26 -16.30 -16.78
C SER D 22 17.87 -16.29 -15.31
N ASP D 23 17.64 -15.10 -14.74
CA ASP D 23 17.61 -14.82 -13.29
C ASP D 23 16.18 -14.88 -12.72
N LEU D 24 15.16 -14.85 -13.59
CA LEU D 24 13.76 -14.46 -13.22
C LEU D 24 12.84 -15.66 -12.99
N GLN D 25 13.33 -16.90 -13.05
CA GLN D 25 12.41 -18.07 -13.10
C GLN D 25 11.85 -18.32 -11.70
N ALA D 26 12.65 -18.08 -10.64
CA ALA D 26 12.19 -18.07 -9.24
C ALA D 26 11.10 -17.01 -9.06
N LEU D 27 11.33 -15.77 -9.50
CA LEU D 27 10.36 -14.67 -9.31
C LEU D 27 9.10 -14.90 -10.14
N LYS D 28 9.18 -15.30 -11.42
CA LYS D 28 7.97 -15.63 -12.20
C LYS D 28 7.14 -16.74 -11.51
N SER D 29 7.79 -17.75 -10.93
CA SER D 29 7.14 -18.83 -10.13
C SER D 29 6.55 -18.25 -8.84
N PHE D 30 7.30 -17.42 -8.11
CA PHE D 30 6.79 -16.67 -6.93
C PHE D 30 5.44 -16.01 -7.30
N ILE D 31 5.37 -15.35 -8.45
CA ILE D 31 4.14 -14.65 -8.94
C ILE D 31 3.08 -15.70 -9.28
N ALA D 32 3.45 -16.76 -10.01
CA ALA D 32 2.54 -17.86 -10.45
C ALA D 32 1.83 -18.46 -9.24
N ASP D 33 2.55 -18.58 -8.11
CA ASP D 33 2.07 -19.27 -6.89
C ASP D 33 1.59 -18.21 -5.89
N GLY D 34 1.53 -16.95 -6.31
CA GLY D 34 1.15 -15.84 -5.41
C GLY D 34 -0.19 -16.03 -4.74
N ASN D 35 -1.20 -16.61 -5.40
CA ASN D 35 -2.52 -16.80 -4.77
C ASN D 35 -2.38 -17.73 -3.57
N LYS D 36 -1.57 -18.78 -3.69
CA LYS D 36 -1.31 -19.72 -2.56
C LYS D 36 -0.70 -18.95 -1.38
N ARG D 37 0.17 -17.99 -1.66
CA ARG D 37 0.93 -17.25 -0.60
C ARG D 37 -0.06 -16.34 0.14
N LEU D 38 -0.94 -15.69 -0.61
CA LEU D 38 -2.02 -14.88 0.02
C LEU D 38 -2.92 -15.74 0.90
N ASP D 39 -3.33 -16.91 0.40
CA ASP D 39 -4.11 -17.86 1.22
C ASP D 39 -3.32 -18.22 2.46
N ALA D 40 -2.02 -18.48 2.35
CA ALA D 40 -1.22 -18.93 3.53
C ALA D 40 -1.24 -17.85 4.60
N VAL D 41 -1.06 -16.61 4.17
CA VAL D 41 -0.97 -15.48 5.15
C VAL D 41 -2.34 -15.30 5.75
N ASN D 42 -3.38 -15.41 4.94
CA ASN D 42 -4.77 -15.28 5.45
C ASN D 42 -5.01 -16.35 6.52
N SER D 43 -4.48 -17.57 6.33
CA SER D 43 -4.82 -18.71 7.21
C SER D 43 -4.19 -18.47 8.59
N ILE D 44 -3.06 -17.77 8.62
CA ILE D 44 -2.35 -17.38 9.88
C ILE D 44 -3.12 -16.21 10.54
N VAL D 45 -3.34 -15.13 9.80
CA VAL D 45 -3.78 -13.85 10.43
C VAL D 45 -5.22 -14.06 10.94
N SER D 46 -6.02 -14.87 10.26
CA SER D 46 -7.40 -15.27 10.65
C SER D 46 -7.45 -16.05 11.98
N ASN D 47 -6.36 -16.72 12.39
CA ASN D 47 -6.31 -17.52 13.64
C ASN D 47 -5.24 -17.01 14.62
N ALA D 48 -4.72 -15.79 14.43
CA ALA D 48 -3.53 -15.34 15.17
C ALA D 48 -3.79 -15.27 16.68
N SER D 49 -4.98 -14.84 17.11
CA SER D 49 -5.29 -14.69 18.56
C SER D 49 -5.19 -16.05 19.24
N CYS D 50 -5.88 -17.03 18.67
CA CYS D 50 -5.93 -18.42 19.19
C CYS D 50 -4.52 -18.99 19.19
N MET D 51 -3.75 -18.78 18.12
CA MET D 51 -2.35 -19.30 18.02
C MET D 51 -1.53 -18.78 19.20
N VAL D 52 -1.57 -17.50 19.46
CA VAL D 52 -0.67 -16.94 20.51
C VAL D 52 -1.11 -17.46 21.89
N SER D 53 -2.39 -17.41 22.21
CA SER D 53 -2.88 -17.82 23.56
C SER D 53 -2.63 -19.31 23.77
N ASP D 54 -2.87 -20.12 22.75
CA ASP D 54 -2.62 -21.58 22.82
C ASP D 54 -1.12 -21.84 22.98
N ALA D 55 -0.27 -21.09 22.30
CA ALA D 55 1.20 -21.37 22.32
C ALA D 55 1.77 -21.00 23.68
N VAL D 56 1.42 -19.82 24.19
CA VAL D 56 1.90 -19.35 25.51
C VAL D 56 1.31 -20.30 26.57
N SER D 57 0.05 -20.72 26.44
CA SER D 57 -0.60 -21.62 27.42
C SER D 57 0.15 -22.95 27.43
N GLY D 58 0.58 -23.42 26.25
CA GLY D 58 1.33 -24.67 26.06
C GLY D 58 2.74 -24.60 26.67
N MET D 59 3.46 -23.52 26.45
CA MET D 59 4.77 -23.28 27.08
C MET D 59 4.62 -23.37 28.61
N ILE D 60 3.56 -22.77 29.15
CA ILE D 60 3.30 -22.77 30.62
C ILE D 60 2.86 -24.16 31.10
N CYS D 61 1.98 -24.88 30.40
CA CYS D 61 1.49 -26.18 30.96
C CYS D 61 2.60 -27.25 30.95
N GLU D 62 3.60 -27.12 30.07
CA GLU D 62 4.80 -28.00 30.05
C GLU D 62 5.82 -27.58 31.10
N ASN D 63 5.85 -26.29 31.47
CA ASN D 63 6.83 -25.74 32.44
C ASN D 63 6.10 -24.86 33.45
N PRO D 64 5.33 -25.48 34.37
CA PRO D 64 4.52 -24.69 35.29
C PRO D 64 5.24 -23.74 36.24
N GLY D 65 6.55 -23.89 36.45
CA GLY D 65 7.35 -22.99 37.30
C GLY D 65 7.36 -21.58 36.71
N LEU D 66 7.03 -21.43 35.42
CA LEU D 66 6.98 -20.08 34.79
C LEU D 66 5.93 -19.23 35.49
N ILE D 67 4.93 -19.83 36.14
CA ILE D 67 3.83 -19.05 36.77
C ILE D 67 3.89 -19.14 38.29
N SER D 68 4.97 -19.67 38.87
N SER D 68 4.98 -19.69 38.85
CA SER D 68 5.26 -19.64 40.32
CA SER D 68 5.32 -19.65 40.31
C SER D 68 5.93 -18.30 40.66
C SER D 68 5.91 -18.28 40.64
N PRO D 69 5.89 -17.82 41.92
CA PRO D 69 6.72 -16.68 42.32
C PRO D 69 8.18 -16.77 41.81
N GLY D 70 8.71 -15.67 41.30
CA GLY D 70 10.05 -15.61 40.69
C GLY D 70 10.04 -16.17 39.28
N GLY D 71 8.95 -16.84 38.90
CA GLY D 71 8.69 -17.29 37.54
C GLY D 71 8.41 -16.11 36.62
N MEN D 72 9.05 -16.28 35.01
CA MEN D 72 9.02 -14.97 34.33
C MEN D 72 7.62 -14.69 33.80
O MEN D 72 7.41 -13.58 33.26
CB MEN D 72 10.09 -14.98 33.22
CG MEN D 72 10.38 -13.62 32.65
OD1 MEN D 72 10.13 -13.36 31.47
ND2 MEN D 72 10.90 -12.77 33.53
CE2 MEN D 72 11.17 -11.37 33.22
N CYS D 73 6.37 -15.72 34.01
CA CYS D 73 5.04 -15.29 33.61
C CYS D 73 4.19 -15.01 34.85
N TYR D 74 4.82 -14.84 36.01
CA TYR D 74 4.11 -14.61 37.28
C TYR D 74 3.66 -13.15 37.32
N THR D 75 2.43 -12.94 37.77
CA THR D 75 1.68 -11.64 37.73
C THR D 75 1.05 -11.47 36.34
N ASN D 76 -0.08 -10.79 36.34
CA ASN D 76 -0.81 -10.45 35.09
C ASN D 76 0.08 -9.52 34.23
N ARG D 77 0.88 -8.64 34.82
CA ARG D 77 1.76 -7.72 34.07
C ARG D 77 2.71 -8.56 33.21
N ARG D 78 3.27 -9.63 33.76
CA ARG D 78 4.28 -10.43 33.01
C ARG D 78 3.58 -11.33 31.98
N MET D 79 2.47 -11.94 32.37
CA MET D 79 1.72 -12.79 31.42
C MET D 79 1.28 -11.90 30.25
N ALA D 80 0.91 -10.63 30.51
CA ALA D 80 0.43 -9.79 29.39
C ALA D 80 1.62 -9.49 28.47
N ALA D 81 2.80 -9.24 29.04
CA ALA D 81 4.00 -8.88 28.24
C ALA D 81 4.37 -10.06 27.33
N CYS D 82 4.30 -11.25 27.89
CA CYS D 82 4.65 -12.50 27.18
C CYS D 82 3.66 -12.74 26.04
N LEU D 83 2.35 -12.63 26.31
CA LEU D 83 1.33 -12.72 25.23
C LEU D 83 1.59 -11.66 24.15
N ARG D 84 1.87 -10.43 24.55
N ARG D 84 1.88 -10.43 24.55
CA ARG D 84 2.25 -9.35 23.58
CA ARG D 84 2.22 -9.37 23.58
C ARG D 84 3.43 -9.83 22.75
C ARG D 84 3.44 -9.81 22.75
N ASP D 85 4.49 -10.35 23.39
CA ASP D 85 5.69 -10.77 22.60
C ASP D 85 5.31 -11.89 21.61
N GLY D 86 4.47 -12.85 22.02
CA GLY D 86 4.03 -13.93 21.13
C GLY D 86 3.35 -13.35 19.89
N GLU D 87 2.45 -12.38 20.09
CA GLU D 87 1.74 -11.69 18.99
C GLU D 87 2.72 -10.91 18.10
N ILE D 88 3.71 -10.23 18.69
CA ILE D 88 4.68 -9.39 17.91
C ILE D 88 5.47 -10.33 16.98
N ILE D 89 5.95 -11.42 17.57
CA ILE D 89 6.81 -12.35 16.82
C ILE D 89 5.97 -12.93 15.68
N LEU D 90 4.74 -13.38 15.95
CA LEU D 90 3.88 -13.94 14.89
C LEU D 90 3.61 -12.90 13.82
N ARG D 91 3.41 -11.63 14.19
CA ARG D 91 3.13 -10.54 13.23
C ARG D 91 4.33 -10.39 12.28
N TYR D 92 5.56 -10.33 12.79
CA TYR D 92 6.79 -10.23 11.97
C TYR D 92 6.98 -11.49 11.09
N VAL D 93 6.73 -12.68 11.62
CA VAL D 93 6.80 -13.92 10.79
C VAL D 93 5.78 -13.80 9.64
N SER D 94 4.55 -13.34 9.91
CA SER D 94 3.52 -13.20 8.86
C SER D 94 3.98 -12.19 7.78
N TYR D 95 4.62 -11.09 8.15
CA TYR D 95 5.19 -10.12 7.17
C TYR D 95 6.24 -10.80 6.29
N ALA D 96 7.15 -11.58 6.90
CA ALA D 96 8.22 -12.32 6.19
C ALA D 96 7.56 -13.26 5.20
N LEU D 97 6.49 -13.98 5.59
CA LEU D 97 5.79 -14.90 4.65
C LEU D 97 5.09 -14.10 3.55
N LEU D 98 4.53 -12.93 3.86
CA LEU D 98 3.86 -12.13 2.82
C LEU D 98 4.88 -11.63 1.80
N ALA D 99 6.10 -11.27 2.23
CA ALA D 99 7.17 -10.66 1.40
C ALA D 99 8.08 -11.69 0.73
N GLY D 100 8.05 -12.96 1.20
CA GLY D 100 8.98 -13.99 0.74
C GLY D 100 10.43 -13.63 1.05
N ASP D 101 10.66 -12.98 2.18
CA ASP D 101 12.03 -12.65 2.67
C ASP D 101 12.02 -12.37 4.17
N ALA D 102 13.07 -12.81 4.85
CA ALA D 102 13.25 -12.70 6.33
C ALA D 102 13.69 -11.31 6.78
N SER D 103 14.08 -10.39 5.89
CA SER D 103 14.71 -9.11 6.34
C SER D 103 13.82 -8.34 7.33
N VAL D 104 12.50 -8.20 7.13
CA VAL D 104 11.69 -7.39 8.08
C VAL D 104 11.78 -8.02 9.48
N LEU D 105 11.72 -9.35 9.57
CA LEU D 105 11.77 -10.11 10.85
C LEU D 105 13.16 -9.89 11.46
N GLU D 106 14.22 -10.05 10.67
CA GLU D 106 15.59 -9.94 11.24
C GLU D 106 15.85 -8.50 11.67
N ASP D 107 15.58 -7.51 10.80
CA ASP D 107 15.92 -6.09 11.02
C ASP D 107 15.11 -5.50 12.19
N ARG D 108 13.78 -5.71 12.23
CA ARG D 108 12.84 -4.93 13.07
C ARG D 108 12.47 -5.71 14.34
N CYS D 109 12.64 -7.03 14.35
CA CYS D 109 12.16 -7.86 15.47
C CYS D 109 13.34 -8.53 16.17
N LEU D 110 14.19 -9.23 15.43
CA LEU D 110 15.22 -10.11 16.04
C LEU D 110 16.51 -9.37 16.39
N ASN D 111 16.82 -8.24 15.74
CA ASN D 111 18.07 -7.48 15.96
C ASN D 111 17.96 -6.81 17.34
N GLY D 112 18.69 -7.30 18.33
CA GLY D 112 18.66 -6.72 19.68
C GLY D 112 17.79 -7.48 20.68
N LEU D 113 17.03 -8.48 20.24
CA LEU D 113 16.06 -9.24 21.10
C LEU D 113 16.81 -10.12 22.12
N LYS D 114 17.90 -10.80 21.71
CA LYS D 114 18.66 -11.69 22.63
C LYS D 114 19.18 -10.86 23.78
N GLU D 115 19.85 -9.75 23.47
CA GLU D 115 20.49 -8.83 24.45
C GLU D 115 19.39 -8.29 25.37
N THR D 116 18.22 -7.99 24.80
CA THR D 116 17.06 -7.47 25.57
C THR D 116 16.56 -8.55 26.52
N TYR D 117 16.31 -9.75 26.04
CA TYR D 117 15.75 -10.81 26.91
C TYR D 117 16.76 -11.10 28.04
N ILE D 118 18.05 -11.14 27.73
CA ILE D 118 19.10 -11.40 28.76
C ILE D 118 19.05 -10.30 29.84
N ALA D 119 18.97 -9.05 29.42
CA ALA D 119 18.83 -7.85 30.29
C ALA D 119 17.59 -7.99 31.18
N LEU D 120 16.42 -8.34 30.59
CA LEU D 120 15.15 -8.41 31.33
C LEU D 120 15.05 -9.70 32.18
N GLY D 121 15.81 -10.73 31.85
CA GLY D 121 15.70 -12.06 32.47
C GLY D 121 14.57 -12.88 31.86
N VAL D 122 14.19 -12.58 30.61
CA VAL D 122 13.21 -13.41 29.85
C VAL D 122 13.91 -14.69 29.47
N PRO D 123 13.39 -15.85 29.90
CA PRO D 123 13.99 -17.14 29.59
C PRO D 123 13.92 -17.42 28.09
N THR D 124 15.06 -17.51 27.39
CA THR D 124 15.07 -17.70 25.92
C THR D 124 14.63 -19.14 25.59
N ASN D 125 14.96 -20.09 26.44
CA ASN D 125 14.59 -21.50 26.19
C ASN D 125 13.06 -21.63 26.16
N SER D 126 12.34 -21.03 27.11
CA SER D 126 10.86 -21.07 27.15
C SER D 126 10.31 -20.28 25.95
N SER D 127 10.92 -19.15 25.61
CA SER D 127 10.50 -18.35 24.42
C SER D 127 10.54 -19.24 23.17
N ILE D 128 11.65 -19.97 23.00
CA ILE D 128 11.81 -20.87 21.84
C ILE D 128 10.73 -21.96 21.83
N ARG D 129 10.27 -22.47 22.97
CA ARG D 129 9.16 -23.46 22.97
C ARG D 129 7.86 -22.80 22.46
N ALA D 130 7.54 -21.58 22.93
CA ALA D 130 6.33 -20.85 22.52
C ALA D 130 6.34 -20.76 21.00
N VAL D 131 7.48 -20.33 20.44
CA VAL D 131 7.68 -20.13 18.98
C VAL D 131 7.52 -21.47 18.24
N SER D 132 8.05 -22.57 18.79
CA SER D 132 7.95 -23.90 18.14
CA SER D 132 7.95 -23.92 18.20
C SER D 132 6.48 -24.34 18.09
N ILE D 133 5.70 -24.00 19.09
CA ILE D 133 4.27 -24.33 19.09
C ILE D 133 3.59 -23.50 18.00
N MET D 134 3.87 -22.19 17.93
CA MET D 134 3.30 -21.38 16.82
C MET D 134 3.75 -21.92 15.45
N LYS D 135 4.96 -22.45 15.31
CA LYS D 135 5.43 -23.02 14.03
C LYS D 135 4.54 -24.20 13.64
N ALA D 136 4.29 -25.13 14.57
CA ALA D 136 3.41 -26.29 14.34
C ALA D 136 2.00 -25.81 13.99
N GLN D 137 1.48 -24.81 14.68
CA GLN D 137 0.13 -24.27 14.36
C GLN D 137 0.11 -23.76 12.91
N ALA D 138 1.08 -22.93 12.55
CA ALA D 138 1.08 -22.23 11.25
C ALA D 138 1.19 -23.27 10.12
N VAL D 139 2.05 -24.27 10.31
CA VAL D 139 2.22 -25.35 9.31
C VAL D 139 0.89 -26.09 9.13
N ALA D 140 0.17 -26.35 10.23
CA ALA D 140 -1.17 -26.99 10.18
C ALA D 140 -2.14 -26.07 9.43
N PHE D 141 -2.22 -24.79 9.78
CA PHE D 141 -3.17 -23.88 9.09
C PHE D 141 -2.85 -23.75 7.59
N ILE D 142 -1.59 -23.54 7.23
CA ILE D 142 -1.18 -23.37 5.82
C ILE D 142 -1.57 -24.60 5.00
N THR D 143 -1.36 -25.81 5.56
CA THR D 143 -1.69 -27.10 4.90
C THR D 143 -3.08 -27.62 5.25
N ASN D 144 -3.89 -26.83 5.97
CA ASN D 144 -5.32 -27.13 6.22
C ASN D 144 -5.38 -28.50 6.90
N THR D 145 -4.49 -28.72 7.87
CA THR D 145 -4.43 -29.97 8.64
C THR D 145 -4.63 -29.70 10.15
N ALA D 146 -5.12 -28.51 10.53
CA ALA D 146 -5.52 -28.25 11.93
C ALA D 146 -6.70 -29.17 12.26
N THR D 147 -6.72 -29.69 13.48
CA THR D 147 -7.76 -30.63 13.97
C THR D 147 -9.07 -29.88 14.30
N GLU D 148 -8.98 -28.65 14.81
CA GLU D 148 -10.12 -27.88 15.38
C GLU D 148 -10.65 -26.85 14.39
N ARG D 149 -9.97 -26.57 13.27
CA ARG D 149 -10.57 -25.70 12.24
C ARG D 149 -10.12 -26.12 10.83
N LYS D 150 -11.05 -26.15 9.88
CA LYS D 150 -10.78 -26.20 8.42
C LYS D 150 -11.14 -24.84 7.82
N MET D 151 -10.38 -24.41 6.82
CA MET D 151 -10.72 -23.22 6.01
C MET D 151 -10.76 -23.65 4.55
N SER D 152 -11.06 -22.70 3.68
CA SER D 152 -11.56 -22.92 2.31
C SER D 152 -10.48 -22.69 1.27
N PHE D 153 -10.04 -23.73 0.54
CA PHE D 153 -9.03 -23.56 -0.53
C PHE D 153 -9.30 -24.45 -1.76
N ALA D 154 -8.96 -23.92 -2.94
CA ALA D 154 -8.81 -24.66 -4.22
C ALA D 154 -7.79 -25.79 -4.01
N ALA D 155 -8.01 -26.95 -4.59
CA ALA D 155 -7.17 -28.14 -4.35
C ALA D 155 -5.75 -27.90 -4.89
N GLY D 156 -4.73 -28.25 -4.11
CA GLY D 156 -3.32 -28.15 -4.53
C GLY D 156 -2.38 -28.43 -3.37
N ASP D 157 -1.13 -27.97 -3.48
CA ASP D 157 -0.06 -28.29 -2.50
C ASP D 157 0.65 -27.02 -2.03
N CYS D 158 0.66 -26.81 -0.72
CA CYS D 158 1.33 -25.66 -0.07
C CYS D 158 2.49 -26.11 0.82
N THR D 159 3.12 -27.23 0.50
CA THR D 159 4.21 -27.75 1.36
C THR D 159 5.40 -26.76 1.34
N SER D 160 5.74 -26.16 0.19
CA SER D 160 6.83 -25.16 0.06
CA SER D 160 6.84 -25.17 0.07
C SER D 160 6.55 -23.96 0.96
N LEU D 161 5.31 -23.45 0.96
CA LEU D 161 4.97 -22.31 1.87
C LEU D 161 5.07 -22.75 3.33
N ALA D 162 4.60 -23.93 3.69
CA ALA D 162 4.73 -24.45 5.07
C ALA D 162 6.22 -24.55 5.45
N SER D 163 7.10 -25.07 4.58
CA SER D 163 8.56 -25.18 4.83
CA SER D 163 8.55 -25.17 4.86
C SER D 163 9.14 -23.77 5.01
N GLU D 164 8.64 -22.83 4.22
CA GLU D 164 9.18 -21.44 4.26
C GLU D 164 8.80 -20.78 5.58
N VAL D 165 7.52 -20.86 5.99
CA VAL D 165 7.09 -20.24 7.27
C VAL D 165 7.85 -20.90 8.42
N ALA D 166 8.07 -22.23 8.39
CA ALA D 166 8.89 -22.91 9.41
C ALA D 166 10.29 -22.30 9.52
N SER D 167 10.93 -21.99 8.38
CA SER D 167 12.29 -21.41 8.33
C SER D 167 12.31 -20.03 9.02
N TYR D 168 11.21 -19.27 8.91
CA TYR D 168 11.11 -17.93 9.56
C TYR D 168 10.95 -18.13 11.06
N PHE D 169 10.13 -19.09 11.48
CA PHE D 169 10.00 -19.39 12.92
C PHE D 169 11.36 -19.81 13.46
N ASP D 170 12.10 -20.62 12.71
CA ASP D 170 13.39 -21.18 13.18
C ASP D 170 14.40 -20.05 13.37
N ARG D 171 14.31 -18.97 12.60
CA ARG D 171 15.24 -17.81 12.73
C ARG D 171 15.08 -17.14 14.10
N VAL D 172 13.90 -17.22 14.68
CA VAL D 172 13.65 -16.57 16.00
C VAL D 172 14.56 -17.27 17.02
N GLY D 173 14.46 -18.60 17.10
CA GLY D 173 15.28 -19.31 18.09
C GLY D 173 16.75 -19.20 17.77
N ALA D 174 17.13 -19.10 16.49
CA ALA D 174 18.55 -18.94 16.12
C ALA D 174 19.09 -17.61 16.69
N ALA D 175 18.30 -16.54 16.62
CA ALA D 175 18.63 -15.20 17.11
C ALA D 175 18.83 -15.18 18.64
N ILE D 176 17.98 -15.87 19.39
CA ILE D 176 17.91 -15.62 20.87
C ILE D 176 18.63 -16.74 21.64
N SER D 177 19.16 -17.76 20.97
CA SER D 177 19.90 -18.89 21.60
C SER D 177 21.34 -18.46 21.90
CHC PEB E . -22.43 -1.35 20.84
CHC PEB E . -22.31 -1.21 20.83
NC PEB E . -24.18 -1.60 22.64
NC PEB E . -24.04 -1.45 22.61
C1C PEB E . -24.75 -0.87 23.66
C1C PEB E . -24.60 -0.74 23.65
C2C PEB E . -24.11 0.40 23.65
C2C PEB E . -23.94 0.52 23.66
C3C PEB E . -23.16 0.37 22.61
C3C PEB E . -23.01 0.51 22.61
C4C PEB E . -23.22 -0.86 22.01
C4C PEB E . -23.09 -0.72 21.99
CMC PEB E . -22.24 1.50 22.23
CMC PEB E . -22.08 1.62 22.24
CAC PEB E . -24.39 1.52 24.61
CAC PEB E . -24.20 1.64 24.64
CBC PEB E . -25.43 2.51 24.10
CBC PEB E . -25.21 2.66 24.11
CGC PEB E . -26.80 1.90 23.82
CGC PEB E . -26.56 2.06 23.74
O1C PEB E . -27.08 1.59 22.66
O1C PEB E . -26.80 1.91 22.52
O2C PEB E . -27.60 1.76 24.76
O2C PEB E . -27.34 1.75 24.65
ND PEB E . -23.22 0.44 19.32
ND PEB E . -23.07 0.50 19.16
C1D PEB E . -23.08 -0.99 19.50
C1D PEB E . -23.00 -0.91 19.49
C2D PEB E . -22.27 -1.36 18.29
C2D PEB E . -22.17 -1.43 18.34
C3D PEB E . -22.07 -0.26 17.54
C3D PEB E . -21.82 -0.41 17.54
C4D PEB E . -22.69 0.89 18.17
C4D PEB E . -22.42 0.81 18.03
CMD PEB E . -21.84 -2.78 18.08
CMD PEB E . -21.83 -2.87 18.22
CAD PEB E . -21.34 -0.23 16.26
CAD PEB E . -20.94 -0.58 16.39
CBD PEB E . -21.50 0.67 15.33
CBD PEB E . -20.66 -1.71 15.81
OD PEB E . -22.76 2.08 17.77
OD PEB E . -22.35 1.95 17.51
NA PEB E . -26.91 -7.86 25.25
NA PEB E . -26.68 -7.64 25.41
C1A PEB E . -26.66 -9.18 25.50
C1A PEB E . -26.45 -8.98 25.62
C2A PEB E . -25.41 -9.59 24.75
C2A PEB E . -25.22 -9.39 24.86
C3A PEB E . -25.10 -8.39 23.86
C3A PEB E . -24.96 -8.21 23.91
C4A PEB E . -26.08 -7.32 24.31
C4A PEB E . -25.94 -7.14 24.36
CMA PEB E . -24.30 -9.98 25.71
CMA PEB E . -24.07 -9.71 25.81
CBA PEB E . -24.34 -9.84 21.83
CBA PEB E . -24.22 -9.72 21.94
OA PEB E . -27.30 -9.90 26.24
OA PEB E . -27.12 -9.69 26.34
CHA PEB E . -26.07 -6.04 23.73
CHA PEB E . -26.06 -5.90 23.75
CAA PEB E . -25.09 -8.59 22.33
CAA PEB E . -25.01 -8.48 22.41
NB PEB E . -25.83 -3.66 23.82
NB PEB E . -25.73 -3.53 23.83
C1B PEB E . -26.33 -4.80 24.35
C1B PEB E . -26.25 -4.66 24.37
C2B PEB E . -27.21 -4.47 25.47
C2B PEB E . -27.08 -4.31 25.52
C3B PEB E . -27.11 -3.13 25.67
C3B PEB E . -26.97 -2.97 25.71
C4B PEB E . -26.21 -2.63 24.64
C4B PEB E . -26.08 -2.49 24.65
CHB PEB E . -25.76 -1.34 24.50
CHB PEB E . -25.61 -1.20 24.51
CMB PEB E . -28.05 -5.42 26.29
CMB PEB E . -27.92 -5.23 26.37
CAB PEB E . -27.70 -2.30 26.77
CAB PEB E . -27.53 -2.12 26.81
CBB PEB E . -26.82 -2.29 28.02
CBB PEB E . -26.53 -1.94 27.96
CGB PEB E . -27.48 -1.70 29.25
CGB PEB E . -27.09 -1.19 29.15
O1B PEB E . -27.05 -2.02 30.37
O1B PEB E . -26.61 -1.42 30.28
O2B PEB E . -28.45 -0.93 29.07
O2B PEB E . -28.01 -0.37 28.95
CHC PEB F . -27.12 -17.64 6.52
NC PEB F . -28.29 -19.83 6.21
C1C PEB F . -29.57 -20.34 6.21
C2C PEB F . -30.45 -19.23 6.46
C3C PEB F . -29.65 -18.10 6.65
C4C PEB F . -28.33 -18.50 6.47
CMC PEB F . -30.16 -16.72 6.94
CAC PEB F . -31.95 -19.29 6.60
CBC PEB F . -32.69 -18.89 5.33
CGC PEB F . -32.35 -19.77 4.14
O1C PEB F . -31.46 -19.43 3.36
O2C PEB F . -32.92 -20.87 4.07
ND PEB F . -27.33 -16.78 4.22
C1D PEB F . -26.49 -17.47 5.16
C2D PEB F . -25.29 -16.54 5.21
C3D PEB F . -25.51 -15.45 4.44
C4D PEB F . -26.83 -15.60 3.83
CMD PEB F . -24.09 -16.89 6.03
CAD PEB F . -24.57 -14.33 4.29
CBD PEB F . -24.69 -13.33 3.48
OD PEB F . -27.44 -14.82 3.06
NA PEB F . -26.73 -26.47 3.78
C1A PEB F . -26.07 -27.49 3.13
C2A PEB F . -24.66 -27.57 3.62
C3A PEB F . -24.53 -26.46 4.68
C4A PEB F . -25.90 -25.83 4.70
CMA PEB F . -24.23 -28.96 4.08
CBA PEB F . -21.99 -26.22 4.33
OA PEB F . -26.53 -28.13 2.23
CHA PEB F . -26.29 -24.74 5.49
CAA PEB F . -23.35 -25.53 4.41
NB PEB F . -27.88 -22.90 5.47
C1B PEB F . -27.57 -24.24 5.56
C2B PEB F . -28.79 -25.01 5.79
C3B PEB F . -29.82 -24.13 5.76
C4B PEB F . -29.22 -22.81 5.77
CHB PEB F . -29.96 -21.66 5.98
CMB PEB F . -28.94 -26.49 5.96
CAB PEB F . -31.28 -24.44 5.69
CBB PEB F . -32.02 -24.17 6.99
CGB PEB F . -33.52 -24.21 6.79
O1B PEB F . -34.18 -23.15 7.00
O2B PEB F . -34.02 -25.28 6.40
S SO4 G . -15.47 -10.13 29.13
O1 SO4 G . -16.35 -11.00 29.82
O2 SO4 G . -16.20 -9.32 28.20
O3 SO4 G . -14.51 -10.92 28.40
O4 SO4 G . -14.78 -9.28 30.07
CHC PEB H . 2.16 29.28 -19.57
NC PEB H . 0.97 27.24 -20.41
C1C PEB H . -0.29 26.86 -20.82
C2C PEB H . -1.12 28.01 -20.68
C3C PEB H . -0.32 29.04 -20.20
C4C PEB H . 0.96 28.55 -20.04
CMC PEB H . -0.81 30.42 -19.87
CAC PEB H . -2.59 28.10 -20.98
CBC PEB H . -3.46 28.03 -19.74
CGC PEB H . -4.95 28.27 -19.97
O1C PEB H . -5.47 27.84 -21.01
O2C PEB H . -5.59 28.82 -19.08
ND PEB H . 2.21 31.00 -21.38
C1D PEB H . 2.97 29.98 -20.69
C2D PEB H . 4.13 30.79 -20.13
C3D PEB H . 4.00 32.08 -20.53
C4D PEB H . 2.76 32.24 -21.27
CMD PEB H . 5.23 30.17 -19.31
CAD PEB H . 4.95 33.15 -20.32
CBD PEB H . 5.33 34.02 -21.23
OD PEB H . 2.31 33.31 -21.69
NA PEB H . 3.56 20.83 -22.03
C1A PEB H . 4.44 19.82 -22.24
C2A PEB H . 5.43 19.80 -21.09
C3A PEB H . 4.76 20.73 -20.05
C4A PEB H . 3.54 21.28 -20.74
CMA PEB H . 5.78 18.41 -20.62
CBA PEB H . 6.03 22.90 -20.56
OA PEB H . 4.43 19.08 -23.18
CHA PEB H . 2.63 22.20 -20.17
CAA PEB H . 5.57 21.93 -19.49
NB PEB H . 1.29 24.15 -20.74
C1B PEB H . 1.52 22.80 -20.79
C2B PEB H . 0.35 22.14 -21.34
C3B PEB H . -0.58 23.09 -21.57
C4B PEB H . 0.02 24.36 -21.20
CHB PEB H . -0.64 25.62 -21.30
CMB PEB H . 0.17 20.67 -21.55
CAB PEB H . -2.00 22.92 -22.04
CBB PEB H . -2.23 23.38 -23.50
CGB PEB H . -1.24 22.85 -24.52
O1B PEB H . -0.86 21.67 -24.42
O2B PEB H . -0.85 23.61 -25.40
CHC PEB I . 1.66 26.53 2.46
NC PEB I . 3.33 28.30 1.85
C1C PEB I . 4.29 29.10 2.44
C2C PEB I . 4.30 28.72 3.82
C3C PEB I . 3.35 27.72 3.99
C4C PEB I . 2.76 27.48 2.76
CMC PEB I . 3.04 27.04 5.29
CAC PEB I . 5.21 29.27 4.89
CBC PEB I . 6.44 28.40 5.10
CGC PEB I . 7.34 28.34 3.89
O1C PEB I . 7.58 27.25 3.40
O2C PEB I . 7.81 29.40 3.43
ND PEB I . 2.82 24.50 2.78
C1D PEB I . 2.09 25.22 1.77
C2D PEB I . 1.03 24.22 1.40
C3D PEB I . 1.09 23.14 2.24
C4D PEB I . 2.23 23.33 3.12
CMD PEB I . 0.16 24.48 0.20
CAD PEB I . 0.22 21.96 2.18
CBD PEB I . 0.29 20.94 2.99
OD PEB I . 2.75 22.58 3.98
NA PEB I . 3.83 33.36 -3.89
C1A PEB I . 3.29 33.93 -5.02
C2A PEB I . 2.55 32.89 -5.79
C3A PEB I . 2.63 31.64 -4.92
C4A PEB I . 3.47 32.03 -3.73
CMA PEB I . 1.14 33.34 -6.17
CBA PEB I . 2.08 30.01 -6.83
OA PEB I . 3.38 35.12 -5.33
CHA PEB I . 3.70 31.12 -2.70
CAA PEB I . 3.04 30.38 -5.70
NB PEB I . 4.17 30.38 -0.46
C1B PEB I . 4.42 31.23 -1.51
C2B PEB I . 5.52 32.11 -1.12
C3B PEB I . 5.85 31.84 0.16
C4B PEB I . 5.02 30.70 0.55
CHB PEB I . 5.11 30.06 1.80
CMB PEB I . 6.26 33.11 -2.00
CAB PEB I . 6.84 32.53 1.06
CBB PEB I . 6.16 33.50 2.04
CGB PEB I . 6.94 34.75 2.43
O1B PEB I . 6.41 35.51 3.27
O2B PEB I . 8.05 34.97 1.91
CHC PEB J . -2.57 0.82 -17.88
NC PEB J . -4.57 1.01 -19.36
C1C PEB J . -5.58 0.23 -19.89
C2C PEB J . -5.30 -1.10 -19.47
C3C PEB J . -4.19 -1.06 -18.62
C4C PEB J . -3.75 0.25 -18.59
CMC PEB J . -3.56 -2.25 -17.97
CAC PEB J . -6.15 -2.30 -19.80
CBC PEB J . -5.87 -2.79 -21.21
CGC PEB J . -4.54 -3.50 -21.32
O1C PEB J . -3.61 -2.91 -21.90
O2C PEB J . -4.42 -4.59 -20.74
ND PEB J . -3.35 0.03 -15.64
C1D PEB J . -2.88 1.16 -16.41
C2D PEB J . -1.63 1.54 -15.64
C3D PEB J . -1.42 0.65 -14.66
C4D PEB J . -2.46 -0.34 -14.68
CMD PEB J . -0.80 2.75 -15.99
CAD PEB J . -0.30 0.60 -13.73
CBD PEB J . -0.14 -0.26 -12.76
OD PEB J . -2.52 -1.36 -14.01
NA PEB J . -7.03 6.28 -23.34
C1A PEB J . -7.02 7.44 -24.04
C2A PEB J . -6.83 8.59 -23.08
C3A PEB J . -6.54 7.92 -21.71
C4A PEB J . -6.86 6.46 -21.96
CMA PEB J . -5.80 9.62 -23.55
CBA PEB J . -6.78 8.51 -19.19
OA PEB J . -7.10 7.52 -25.25
CHA PEB J . -7.03 5.47 -21.01
CAA PEB J . -7.37 8.57 -20.61
NB PEB J . -6.47 3.10 -20.70
C1B PEB J . -7.20 4.11 -21.28
C2B PEB J . -8.28 3.52 -22.06
C3B PEB J . -8.13 2.17 -22.01
C4B PEB J . -7.05 1.91 -21.07
CHB PEB J . -6.64 0.64 -20.71
CMB PEB J . -9.41 4.27 -22.74
CAB PEB J . -8.93 1.12 -22.71
CBB PEB J . -10.30 0.84 -22.09
CGB PEB J . -10.27 0.17 -20.72
O1B PEB J . -10.96 0.69 -19.83
O2B PEB J . -9.56 -0.85 -20.55
CHC PEB K . 27.12 9.00 -10.52
NC PEB K . 29.25 9.92 -11.44
C1C PEB K . 30.52 10.30 -11.05
C2C PEB K . 30.54 10.15 -9.64
C3C PEB K . 29.28 9.65 -9.24
C4C PEB K . 28.52 9.53 -10.39
CMC PEB K . 28.89 9.27 -7.85
CAC PEB K . 31.72 10.42 -8.75
CBC PEB K . 32.58 9.19 -8.54
CGC PEB K . 33.21 8.66 -9.83
O1C PEB K . 32.75 7.63 -10.29
O2C PEB K . 34.13 9.32 -10.33
ND PEB K . 27.76 6.74 -9.75
C1D PEB K . 27.10 7.50 -10.80
C2D PEB K . 25.70 6.94 -10.74
C3D PEB K . 25.67 5.94 -9.84
C4D PEB K . 26.92 5.88 -9.14
CMD PEB K . 24.65 7.47 -11.67
CAD PEB K . 24.56 5.04 -9.58
CBD PEB K . 24.46 4.19 -8.58
OD PEB K . 27.21 5.16 -8.17
NA PEB K . 30.27 13.65 -17.97
C1A PEB K . 29.64 14.38 -18.95
C2A PEB K . 28.18 14.47 -18.59
C3A PEB K . 27.98 13.28 -17.65
C4A PEB K . 29.37 12.92 -17.19
CMA PEB K . 27.77 15.83 -17.98
CBA PEB K . 25.74 12.42 -18.62
OA PEB K . 30.15 14.94 -19.88
CHA PEB K . 29.60 11.95 -16.22
CAA PEB K . 27.18 12.08 -18.18
NB PEB K . 30.28 11.30 -13.99
C1B PEB K . 30.56 11.92 -15.17
C2B PEB K . 31.96 12.36 -15.16
C3B PEB K . 32.48 11.99 -13.95
C4B PEB K . 31.41 11.32 -13.22
CHB PEB K . 31.51 10.83 -11.90
CMB PEB K . 32.71 13.16 -16.18
CAB PEB K . 33.83 12.31 -13.41
CBB PEB K . 33.94 13.78 -12.99
CGB PEB K . 35.21 14.08 -12.18
O1B PEB K . 35.96 13.14 -11.91
O2B PEB K . 35.42 15.26 -11.84
CHC PEB L . 16.38 1.35 -28.70
NC PEB L . 16.18 1.32 -31.19
C1C PEB L . 16.93 1.02 -32.30
C2C PEB L . 18.21 0.61 -31.82
C3C PEB L . 18.17 0.68 -30.43
C4C PEB L . 16.91 1.09 -30.07
CMC PEB L . 19.32 0.34 -29.53
CAC PEB L . 19.39 0.20 -32.65
CBC PEB L . 19.63 -1.30 -32.59
CGC PEB L . 18.62 -2.11 -33.37
O1C PEB L . 17.53 -2.37 -32.83
O2C PEB L . 18.93 -2.48 -34.52
ND PEB L . 15.84 -1.00 -28.18
C1D PEB L . 15.34 0.35 -28.25
C2D PEB L . 14.96 0.60 -26.80
C3D PEB L . 15.08 -0.56 -26.11
C4D PEB L . 15.58 -1.58 -26.99
CMD PEB L . 14.55 1.97 -26.36
CAD PEB L . 14.72 -0.85 -24.71
CBD PEB L . 15.10 -1.92 -24.03
OD PEB L . 15.73 -2.77 -26.72
NA PEB L . 10.95 2.12 -35.94
C1A PEB L . 9.82 2.29 -36.69
C2A PEB L . 9.06 3.48 -36.16
C3A PEB L . 10.05 4.17 -35.20
C4A PEB L . 11.19 3.19 -35.07
CMA PEB L . 8.53 4.38 -37.27
CBA PEB L . 7.99 5.11 -34.02
OA PEB L . 9.47 1.60 -37.64
CHA PEB L . 12.35 3.37 -34.29
CAA PEB L . 9.45 4.67 -33.89
NB PEB L . 14.40 2.30 -33.58
C1B PEB L . 13.55 2.77 -34.55
C2B PEB L . 14.12 2.52 -35.88
C3B PEB L . 15.22 1.77 -35.68
C4B PEB L . 15.44 1.71 -34.24
CHB PEB L . 16.52 1.10 -33.64
CMB PEB L . 13.57 2.97 -37.20
CAB PEB L . 16.07 1.08 -36.73
CBB PEB L . 16.99 2.02 -37.52
CGB PEB L . 17.46 3.25 -36.76
O1B PEB L . 16.76 4.30 -36.80
O2B PEB L . 18.53 3.16 -36.12
CHC PEB M . -0.55 -26.35 23.35
NC PEB M . -0.92 -26.78 20.91
C1C PEB M . -0.33 -27.41 19.84
C2C PEB M . 0.81 -28.08 20.34
C3C PEB M . 0.91 -27.77 21.71
C4C PEB M . -0.18 -26.97 22.04
CMC PEB M . 1.99 -28.25 22.63
CAC PEB M . 1.74 -28.95 19.55
CBC PEB M . 3.11 -28.32 19.34
CGC PEB M . 4.11 -29.24 18.67
O1C PEB M . 5.32 -29.13 19.03
O2C PEB M . 3.69 -30.04 17.76
ND PEB M . -0.84 -28.48 24.60
C1D PEB M . -1.46 -27.22 24.26
C2D PEB M . -1.72 -26.65 25.64
C3D PEB M . -1.43 -27.58 26.57
C4D PEB M . -0.77 -28.71 25.92
CMD PEB M . -2.23 -25.26 25.86
CAD PEB M . -1.68 -27.47 28.00
CBD PEB M . -2.07 -28.47 28.80
OD PEB M . -0.19 -29.65 26.49
NA PEB M . -6.25 -24.59 16.47
C1A PEB M . -7.48 -24.05 16.24
C2A PEB M . -7.58 -22.69 16.89
C3A PEB M . -6.18 -22.51 17.50
C4A PEB M . -5.43 -23.78 17.22
CMA PEB M . -8.06 -21.56 16.01
CBA PEB M . -6.68 -23.35 19.85
OA PEB M . -8.35 -24.57 15.61
CHA PEB M . -4.11 -24.02 17.61
CAA PEB M . -6.05 -22.24 19.00
NB PEB M . -2.62 -25.79 18.41
C1B PEB M . -3.35 -25.21 17.41
C2B PEB M . -3.04 -25.87 16.15
C3B PEB M . -2.10 -26.82 16.42
C4B PEB M . -1.81 -26.73 17.84
CHB PEB M . -0.82 -27.48 18.53
CMB PEB M . -3.61 -25.55 14.80
CAB PEB M . -1.48 -27.81 15.48
CBB PEB M . -2.00 -29.26 15.65
CGB PEB M . -3.51 -29.44 15.62
O1B PEB M . -4.16 -29.04 14.61
O2B PEB M . -4.07 -29.99 16.61
CHC PEB N . 10.49 -7.32 23.30
NC PEB N . 9.71 -7.78 25.63
C1C PEB N . 9.68 -7.19 26.88
C2C PEB N . 10.28 -5.90 26.72
C3C PEB N . 10.62 -5.75 25.37
C4C PEB N . 10.27 -6.93 24.73
CMC PEB N . 11.26 -4.55 24.77
CAC PEB N . 10.42 -4.86 27.81
CBC PEB N . 9.26 -3.87 27.84
CGC PEB N . 7.91 -4.51 28.13
O1C PEB N . 7.70 -4.96 29.28
O2C PEB N . 7.10 -4.62 27.17
ND PEB N . 9.01 -5.63 22.27
C1D PEB N . 9.32 -7.05 22.35
C2D PEB N . 9.65 -7.34 20.91
C3D PEB N . 9.54 -6.23 20.15
C4D PEB N . 9.19 -5.13 21.02
CMD PEB N . 10.02 -8.72 20.48
CAD PEB N . 9.64 -6.13 18.68
CBD PEB N . 9.54 -5.02 18.03
OD PEB N . 9.04 -3.93 20.72
NA PEB N . 8.37 -14.17 29.43
C1A PEB N . 8.32 -15.54 29.50
C2A PEB N . 8.05 -16.11 28.14
C3A PEB N . 7.95 -14.89 27.22
C4A PEB N . 8.06 -13.70 28.16
CMA PEB N . 9.15 -17.11 27.77
CBA PEB N . 6.53 -16.10 25.43
OA PEB N . 8.51 -16.21 30.51
CHA PEB N . 7.99 -12.40 27.65
CAA PEB N . 6.77 -14.86 26.22
NB PEB N . 8.77 -10.13 27.53
C1B PEB N . 8.27 -11.19 28.25
C2B PEB N . 8.02 -10.76 29.62
C3B PEB N . 8.35 -9.45 29.70
C4B PEB N . 8.76 -9.04 28.37
CHB PEB N . 9.19 -7.74 28.05
CMB PEB N . 7.42 -11.57 30.74
CAB PEB N . 8.24 -8.53 30.89
CBB PEB N . 9.56 -8.48 31.69
CGB PEB N . 9.43 -7.86 33.06
O1B PEB N . 9.97 -6.74 33.26
O2B PEB N . 8.76 -8.46 33.94
CHC PEB O . -7.27 -16.43 -2.88
NC PEB O . -6.53 -18.54 -3.97
C1C PEB O . -6.47 -19.13 -5.22
C2C PEB O . -7.05 -18.19 -6.13
C3C PEB O . -7.36 -17.06 -5.40
C4C PEB O . -7.08 -17.30 -4.07
CMC PEB O . -7.96 -15.83 -6.00
CAC PEB O . -7.10 -18.33 -7.61
CBC PEB O . -8.27 -19.15 -8.17
CGC PEB O . -9.62 -18.65 -7.68
O1C PEB O . -10.27 -19.40 -6.90
O2C PEB O . -10.01 -17.54 -8.08
ND PEB O . -5.86 -14.53 -3.71
C1D PEB O . -6.13 -15.44 -2.62
C2D PEB O . -6.52 -14.46 -1.53
C3D PEB O . -6.63 -13.21 -2.02
C4D PEB O . -6.20 -13.23 -3.42
CMD PEB O . -6.61 -14.86 -0.10
CAD PEB O . -7.01 -12.01 -1.29
CBD PEB O . -6.85 -10.84 -1.78
OD PEB O . -6.15 -12.29 -4.25
NA PEB O . -4.66 -25.10 -1.44
C1A PEB O . -4.62 -26.10 -0.53
C2A PEB O . -3.72 -25.68 0.61
C3A PEB O . -3.67 -24.15 0.47
C4A PEB O . -4.12 -23.89 -0.95
CMA PEB O . -4.15 -26.21 1.95
CBA PEB O . -2.23 -22.14 1.19
OA PEB O . -5.22 -27.18 -0.64
CHA PEB O . -4.01 -22.68 -1.68
CAA PEB O . -2.28 -23.61 0.83
NB PEB O . -5.08 -21.27 -3.39
C1B PEB O . -4.47 -22.44 -3.01
C2B PEB O . -4.31 -23.30 -4.17
C3B PEB O . -4.83 -22.63 -5.25
C4B PEB O . -5.34 -21.36 -4.73
CHB PEB O . -6.03 -20.42 -5.50
CMB PEB O . -3.69 -24.67 -4.19
CAB PEB O . -4.92 -23.08 -6.67
CBB PEB O . -3.62 -22.90 -7.44
CGB PEB O . -3.27 -21.46 -7.76
O1B PEB O . -4.15 -20.75 -8.22
O2B PEB O . -2.11 -21.08 -7.56
S SO4 P . 13.65 -1.90 7.77
O1 SO4 P . 14.38 -0.85 7.12
O2 SO4 P . 12.32 -2.02 7.20
O3 SO4 P . 13.52 -1.60 9.17
O4 SO4 P . 14.37 -3.15 7.57
#